data_4LVG
#
_entry.id   4LVG
#
_cell.length_a   60.808
_cell.length_b   106.860
_cell.length_c   83.241
_cell.angle_alpha   90.00
_cell.angle_beta   96.79
_cell.angle_gamma   90.00
#
_symmetry.space_group_name_H-M   'P 1 21 1'
#
loop_
_entity.id
_entity.type
_entity.pdbx_description
1 polymer 'Nicotinamide phosphoribosyltransferase'
2 non-polymer (1S,2S)-N-[4-(phenylsulfonyl)phenyl]-2-(pyridin-3-yl)cyclopropanecarboxamide
3 non-polymer 'PHOSPHATE ION'
4 non-polymer 1,2-ETHANEDIOL
5 water water
#
_entity_poly.entity_id   1
_entity_poly.type   'polypeptide(L)'
_entity_poly.pdbx_seq_one_letter_code
;MNPAAEAEFNILLATDSYKVTHYKQYPPNTSKVYSYFECREKKTENSKLRKVKYEETVFYGLQYILNKYLKGKVVTKEKI
QEAKDVYKEHFQDDVFNEKGWNYILEKYDGHLPIEIKAVPEGFVIPRGNVLFTVENTDPECYWLTNWIETILVQSWYPIT
VATNSREQKKILAKYLLETSGNLDGLEYKLHDFGYRGVSSQETAGIGASAHLVNFKGTDTVAGLALIKKYYGTKDPVPGY
SVPAAEHSTITAWGKDHEKDAFEHIVTQFSSVPVSVVSDSYDIYNACEKIWGEDLRHLIVSRSTQAPLIIRPDSGNPLDT
VLKVLEILGKKFPVTENSKGYKLLPPYLRVIQGDGVDINTLQEIVEGMKQKMWSIENIAFGSGGGLLQKLTRDLLNCSFK
CSYVVTNGLGINVFKDPVADPNKRSKKGRLSLHRTPAGNFVTLEEGKGDLEEYGQDLLHTVFKNGKVTKSYSFDEIRKNA
QLNIELEAAHHLEHHHHHHHH
;
_entity_poly.pdbx_strand_id   A,B
#
loop_
_chem_comp.id
_chem_comp.type
_chem_comp.name
_chem_comp.formula
20O non-polymer (1S,2S)-N-[4-(phenylsulfonyl)phenyl]-2-(pyridin-3-yl)cyclopropanecarboxamide 'C21 H18 N2 O3 S'
EDO non-polymer 1,2-ETHANEDIOL 'C2 H6 O2'
PO4 non-polymer 'PHOSPHATE ION' 'O4 P -3'
#
# COMPACT_ATOMS: atom_id res chain seq x y z
N GLU A 8 -20.33 -7.09 -2.87
CA GLU A 8 -20.14 -7.28 -4.29
C GLU A 8 -19.27 -6.19 -4.91
N PHE A 9 -18.19 -6.60 -5.58
CA PHE A 9 -17.37 -5.68 -6.34
C PHE A 9 -18.16 -5.23 -7.56
N ASN A 10 -18.09 -3.93 -7.86
CA ASN A 10 -18.83 -3.36 -8.98
C ASN A 10 -17.86 -2.56 -9.85
N ILE A 11 -17.56 -3.10 -11.03
CA ILE A 11 -16.60 -2.47 -11.93
C ILE A 11 -17.03 -1.06 -12.34
N LEU A 12 -18.33 -0.77 -12.28
CA LEU A 12 -18.82 0.57 -12.62
C LEU A 12 -18.43 1.59 -11.55
N LEU A 13 -18.04 1.09 -10.38
CA LEU A 13 -17.61 1.94 -9.27
C LEU A 13 -16.12 1.76 -8.97
N ALA A 14 -15.39 1.15 -9.91
CA ALA A 14 -13.97 0.88 -9.67
C ALA A 14 -13.07 1.66 -10.63
N THR A 15 -13.36 2.95 -10.79
CA THR A 15 -12.58 3.82 -11.65
C THR A 15 -12.42 5.16 -10.94
N ASP A 16 -11.48 5.98 -11.40
CA ASP A 16 -11.39 7.37 -10.95
C ASP A 16 -12.69 8.06 -11.34
N SER A 17 -13.27 8.82 -10.42
CA SER A 17 -14.55 9.48 -10.65
C SER A 17 -14.62 10.23 -11.99
N TYR A 18 -13.58 10.99 -12.32
CA TYR A 18 -13.64 11.79 -13.55
C TYR A 18 -13.84 10.97 -14.82
N LYS A 19 -13.44 9.71 -14.80
CA LYS A 19 -13.58 8.85 -15.99
C LYS A 19 -15.05 8.62 -16.34
N VAL A 20 -15.94 8.76 -15.36
CA VAL A 20 -17.38 8.71 -15.59
C VAL A 20 -17.82 9.76 -16.64
N THR A 21 -17.08 10.85 -16.73
CA THR A 21 -17.49 11.96 -17.60
C THR A 21 -16.79 11.97 -18.96
N HIS A 22 -15.90 11.00 -19.19
CA HIS A 22 -15.07 11.06 -20.39
C HIS A 22 -15.76 10.68 -21.70
N TYR A 23 -16.84 9.91 -21.62
CA TYR A 23 -17.55 9.51 -22.83
C TYR A 23 -18.07 10.73 -23.60
N LYS A 24 -18.23 11.85 -22.89
CA LYS A 24 -18.71 13.09 -23.51
C LYS A 24 -17.58 13.98 -24.02
N GLN A 25 -16.35 13.55 -23.83
CA GLN A 25 -15.20 14.42 -24.09
C GLN A 25 -14.35 14.03 -25.30
N TYR A 26 -14.40 12.75 -25.68
CA TYR A 26 -13.66 12.29 -26.84
C TYR A 26 -14.22 12.94 -28.10
N PRO A 27 -13.41 13.00 -29.18
CA PRO A 27 -13.94 13.55 -30.43
C PRO A 27 -15.18 12.78 -30.88
N PRO A 28 -16.20 13.49 -31.37
CA PRO A 28 -17.33 12.78 -31.98
C PRO A 28 -16.87 11.86 -33.09
N ASN A 29 -17.61 10.77 -33.32
CA ASN A 29 -17.29 9.78 -34.36
C ASN A 29 -16.03 8.97 -34.07
N THR A 30 -15.69 8.84 -32.78
CA THR A 30 -14.54 8.02 -32.38
C THR A 30 -15.00 6.58 -32.15
N SER A 31 -14.39 5.65 -32.87
CA SER A 31 -14.81 4.25 -32.81
C SER A 31 -13.79 3.35 -32.12
N LYS A 32 -12.60 3.88 -31.88
CA LYS A 32 -11.53 3.09 -31.29
C LYS A 32 -10.65 3.94 -30.41
N VAL A 33 -10.41 3.46 -29.19
CA VAL A 33 -9.39 4.03 -28.32
C VAL A 33 -8.44 2.91 -27.92
N TYR A 34 -7.16 3.12 -28.21
CA TYR A 34 -6.13 2.11 -28.01
C TYR A 34 -5.09 2.69 -27.07
N SER A 35 -4.80 1.96 -26.00
CA SER A 35 -3.91 2.46 -24.95
C SER A 35 -2.88 1.41 -24.58
N TYR A 36 -1.81 1.84 -23.91
CA TYR A 36 -0.69 0.95 -23.58
C TYR A 36 -0.13 1.26 -22.21
N PHE A 37 0.53 0.28 -21.62
CA PHE A 37 1.17 0.43 -20.31
C PHE A 37 2.67 0.22 -20.48
N GLU A 38 3.47 1.08 -19.85
CA GLU A 38 4.93 0.92 -19.83
C GLU A 38 5.45 1.34 -18.48
N CYS A 39 6.68 0.93 -18.15
CA CYS A 39 7.41 1.50 -17.03
C CYS A 39 8.37 2.50 -17.65
N ARG A 40 7.93 3.75 -17.68
CA ARG A 40 8.55 4.79 -18.50
C ARG A 40 10.01 5.03 -18.13
N GLU A 41 10.86 5.21 -19.14
CA GLU A 41 12.27 5.50 -18.91
C GLU A 41 12.40 6.89 -18.30
N LYS A 42 13.46 7.10 -17.50
CA LYS A 42 13.70 8.41 -16.91
C LYS A 42 15.15 8.84 -17.08
N LYS A 53 19.64 2.29 -12.27
CA LYS A 53 19.08 1.83 -10.99
C LYS A 53 18.14 0.65 -11.18
N TYR A 54 16.94 0.95 -11.64
CA TYR A 54 15.96 -0.08 -11.97
C TYR A 54 15.80 -0.15 -13.49
N GLU A 55 16.80 -0.72 -14.17
CA GLU A 55 16.83 -0.67 -15.63
C GLU A 55 15.93 -1.69 -16.31
N GLU A 56 15.51 -2.73 -15.58
CA GLU A 56 14.64 -3.74 -16.15
C GLU A 56 13.58 -4.16 -15.13
N THR A 57 12.39 -4.48 -15.61
CA THR A 57 11.27 -4.78 -14.72
C THR A 57 10.69 -6.17 -14.97
N VAL A 58 10.24 -6.81 -13.90
CA VAL A 58 9.56 -8.10 -13.99
C VAL A 58 8.08 -7.85 -14.22
N PHE A 59 7.55 -8.33 -15.33
CA PHE A 59 6.13 -8.16 -15.58
C PHE A 59 5.34 -9.24 -14.85
N TYR A 60 4.58 -8.84 -13.84
CA TYR A 60 3.84 -9.80 -13.03
C TYR A 60 2.61 -9.14 -12.40
N GLY A 61 1.48 -9.82 -12.43
CA GLY A 61 0.31 -9.40 -11.68
C GLY A 61 -0.97 -9.19 -12.47
N LEU A 62 -0.84 -9.03 -13.78
CA LEU A 62 -2.00 -8.76 -14.61
C LEU A 62 -3.04 -9.90 -14.57
N GLN A 63 -2.55 -11.14 -14.54
CA GLN A 63 -3.43 -12.31 -14.55
C GLN A 63 -4.39 -12.31 -13.35
N TYR A 64 -3.88 -11.86 -12.21
CA TYR A 64 -4.70 -11.71 -11.01
C TYR A 64 -5.84 -10.74 -11.28
N ILE A 65 -5.50 -9.59 -11.84
CA ILE A 65 -6.49 -8.54 -12.11
C ILE A 65 -7.53 -9.01 -13.12
N LEU A 66 -7.07 -9.65 -14.20
CA LEU A 66 -7.99 -10.14 -15.23
C LEU A 66 -9.03 -11.10 -14.66
N ASN A 67 -8.58 -12.07 -13.87
CA ASN A 67 -9.48 -13.07 -13.31
C ASN A 67 -10.38 -12.56 -12.19
N LYS A 68 -9.82 -11.77 -11.28
CA LYS A 68 -10.59 -11.32 -10.12
C LYS A 68 -11.62 -10.25 -10.47
N TYR A 69 -11.28 -9.36 -11.40
CA TYR A 69 -12.08 -8.17 -11.62
C TYR A 69 -12.69 -7.98 -13.01
N LEU A 70 -12.05 -8.49 -14.05
CA LEU A 70 -12.44 -8.14 -15.41
C LEU A 70 -13.20 -9.22 -16.20
N LYS A 71 -13.00 -10.49 -15.87
CA LYS A 71 -13.58 -11.56 -16.68
C LYS A 71 -15.03 -11.89 -16.33
N GLY A 72 -15.76 -12.45 -17.31
CA GLY A 72 -17.11 -12.91 -17.09
C GLY A 72 -18.14 -11.79 -17.09
N LYS A 73 -19.31 -12.07 -16.51
CA LYS A 73 -20.39 -11.11 -16.48
C LYS A 73 -20.14 -10.11 -15.36
N VAL A 74 -19.58 -8.95 -15.72
CA VAL A 74 -19.19 -7.97 -14.72
C VAL A 74 -20.18 -6.81 -14.66
N VAL A 75 -21.14 -6.82 -15.58
CA VAL A 75 -22.21 -5.83 -15.60
C VAL A 75 -23.56 -6.52 -15.37
N THR A 76 -24.35 -6.00 -14.44
CA THR A 76 -25.72 -6.47 -14.21
C THR A 76 -26.64 -5.26 -14.12
N LYS A 77 -27.95 -5.49 -14.22
CA LYS A 77 -28.94 -4.43 -14.07
C LYS A 77 -28.77 -3.73 -12.73
N GLU A 78 -28.58 -4.51 -11.68
CA GLU A 78 -28.42 -3.98 -10.33
C GLU A 78 -27.17 -3.11 -10.20
N LYS A 79 -26.06 -3.56 -10.80
CA LYS A 79 -24.82 -2.78 -10.75
C LYS A 79 -24.93 -1.45 -11.47
N ILE A 80 -25.66 -1.41 -12.58
CA ILE A 80 -25.88 -0.17 -13.30
C ILE A 80 -26.70 0.81 -12.47
N GLN A 81 -27.78 0.30 -11.87
CA GLN A 81 -28.61 1.14 -11.02
C GLN A 81 -27.84 1.64 -9.80
N GLU A 82 -27.03 0.77 -9.20
CA GLU A 82 -26.21 1.18 -8.06
C GLU A 82 -25.28 2.32 -8.44
N ALA A 83 -24.60 2.18 -9.58
CA ALA A 83 -23.67 3.21 -10.03
C ALA A 83 -24.41 4.51 -10.33
N LYS A 84 -25.54 4.39 -11.01
CA LYS A 84 -26.36 5.57 -11.34
C LYS A 84 -26.70 6.36 -10.07
N ASP A 85 -27.16 5.65 -9.04
CA ASP A 85 -27.54 6.27 -7.78
C ASP A 85 -26.36 6.93 -7.06
N VAL A 86 -25.22 6.26 -7.05
CA VAL A 86 -24.04 6.78 -6.38
C VAL A 86 -23.52 8.03 -7.08
N TYR A 87 -23.38 7.95 -8.41
CA TYR A 87 -22.82 9.08 -9.15
C TYR A 87 -23.73 10.30 -9.15
N LYS A 88 -25.04 10.09 -9.08
CA LYS A 88 -25.95 11.23 -8.98
C LYS A 88 -25.64 12.09 -7.75
N GLU A 89 -25.36 11.44 -6.62
CA GLU A 89 -25.02 12.16 -5.40
C GLU A 89 -23.56 12.65 -5.39
N HIS A 90 -22.66 11.81 -5.91
CA HIS A 90 -21.22 12.11 -5.93
C HIS A 90 -20.91 13.35 -6.78
N PHE A 91 -21.58 13.49 -7.92
CA PHE A 91 -21.38 14.63 -8.81
C PHE A 91 -22.42 15.73 -8.61
N GLN A 92 -23.47 15.44 -7.85
CA GLN A 92 -24.61 16.35 -7.74
C GLN A 92 -25.14 16.70 -9.13
N ASP A 93 -25.15 15.69 -10.01
CA ASP A 93 -25.50 15.85 -11.41
C ASP A 93 -25.63 14.46 -12.03
N ASP A 94 -26.35 14.34 -13.15
CA ASP A 94 -26.70 13.04 -13.70
C ASP A 94 -25.78 12.54 -14.84
N VAL A 95 -24.49 12.84 -14.74
CA VAL A 95 -23.53 12.63 -15.85
C VAL A 95 -23.23 11.16 -16.28
N PHE A 96 -23.54 10.19 -15.43
CA PHE A 96 -23.26 8.77 -15.71
C PHE A 96 -23.81 8.19 -17.05
N ASN A 97 -22.96 7.46 -17.78
CA ASN A 97 -23.31 6.87 -19.09
C ASN A 97 -24.11 5.57 -18.97
N GLU A 98 -25.35 5.68 -18.54
CA GLU A 98 -26.22 4.52 -18.37
C GLU A 98 -26.43 3.76 -19.69
N LYS A 99 -26.63 4.50 -20.78
CA LYS A 99 -26.83 3.90 -22.11
C LYS A 99 -25.67 2.98 -22.51
N GLY A 100 -24.46 3.47 -22.33
CA GLY A 100 -23.27 2.73 -22.70
C GLY A 100 -23.13 1.42 -21.94
N TRP A 101 -23.41 1.44 -20.64
CA TRP A 101 -23.29 0.23 -19.84
C TRP A 101 -24.44 -0.74 -20.12
N ASN A 102 -25.63 -0.20 -20.38
CA ASN A 102 -26.75 -1.07 -20.73
C ASN A 102 -26.50 -1.81 -22.04
N TYR A 103 -25.82 -1.13 -22.96
CA TYR A 103 -25.42 -1.74 -24.22
C TYR A 103 -24.55 -2.98 -24.01
N ILE A 104 -23.54 -2.86 -23.15
CA ILE A 104 -22.70 -3.99 -22.81
C ILE A 104 -23.51 -5.12 -22.17
N LEU A 105 -24.42 -4.75 -21.27
CA LEU A 105 -25.30 -5.73 -20.64
C LEU A 105 -26.15 -6.49 -21.65
N GLU A 106 -26.80 -5.77 -22.54
CA GLU A 106 -27.74 -6.39 -23.47
C GLU A 106 -27.05 -7.14 -24.61
N LYS A 107 -25.96 -6.57 -25.12
CA LYS A 107 -25.31 -7.11 -26.29
C LYS A 107 -24.34 -8.24 -25.97
N TYR A 108 -23.62 -8.10 -24.86
CA TYR A 108 -22.54 -9.03 -24.54
C TYR A 108 -22.75 -9.80 -23.24
N ASP A 109 -24.01 -9.85 -22.78
CA ASP A 109 -24.34 -10.47 -21.51
C ASP A 109 -23.44 -9.98 -20.38
N GLY A 110 -23.11 -8.69 -20.43
CA GLY A 110 -22.32 -8.07 -19.38
C GLY A 110 -20.84 -8.40 -19.41
N HIS A 111 -20.36 -8.97 -20.51
CA HIS A 111 -18.92 -9.19 -20.72
C HIS A 111 -18.28 -7.98 -21.40
N LEU A 112 -17.07 -7.60 -20.98
CA LEU A 112 -16.40 -6.41 -21.51
C LEU A 112 -15.84 -6.61 -22.92
N PRO A 113 -16.29 -5.79 -23.88
CA PRO A 113 -15.78 -5.88 -25.26
C PRO A 113 -14.43 -5.16 -25.37
N ILE A 114 -13.41 -5.82 -24.84
CA ILE A 114 -12.06 -5.28 -24.70
C ILE A 114 -11.08 -6.37 -25.10
N GLU A 115 -10.00 -6.00 -25.79
CA GLU A 115 -8.91 -6.94 -26.02
C GLU A 115 -7.63 -6.42 -25.37
N ILE A 116 -7.00 -7.28 -24.58
CA ILE A 116 -5.73 -6.96 -23.94
C ILE A 116 -4.65 -7.91 -24.43
N LYS A 117 -3.54 -7.35 -24.92
CA LYS A 117 -2.38 -8.15 -25.31
C LYS A 117 -1.24 -7.80 -24.38
N ALA A 118 -0.48 -8.81 -23.94
CA ALA A 118 0.54 -8.60 -22.92
C ALA A 118 1.77 -9.47 -23.14
N VAL A 119 2.91 -8.99 -22.65
CA VAL A 119 4.14 -9.77 -22.63
C VAL A 119 3.93 -10.88 -21.58
N PRO A 120 4.53 -12.07 -21.78
CA PRO A 120 4.29 -13.15 -20.81
C PRO A 120 4.72 -12.81 -19.38
N GLU A 121 3.94 -13.24 -18.40
CA GLU A 121 4.27 -12.91 -17.01
C GLU A 121 5.59 -13.56 -16.60
N GLY A 122 6.36 -12.83 -15.83
CA GLY A 122 7.69 -13.27 -15.45
C GLY A 122 8.77 -12.71 -16.37
N PHE A 123 8.38 -12.25 -17.55
CA PHE A 123 9.36 -11.67 -18.47
C PHE A 123 10.05 -10.46 -17.86
N VAL A 124 11.35 -10.37 -18.12
CA VAL A 124 12.16 -9.28 -17.59
C VAL A 124 12.48 -8.36 -18.78
N ILE A 125 11.95 -7.14 -18.73
CA ILE A 125 11.97 -6.22 -19.87
C ILE A 125 12.56 -4.89 -19.47
N PRO A 126 13.47 -4.34 -20.30
CA PRO A 126 14.03 -3.02 -20.00
C PRO A 126 12.96 -1.93 -19.94
N ARG A 127 13.23 -0.89 -19.15
CA ARG A 127 12.35 0.27 -19.05
C ARG A 127 12.04 0.89 -20.41
N GLY A 128 10.85 1.45 -20.54
CA GLY A 128 10.48 2.20 -21.72
C GLY A 128 9.94 1.34 -22.84
N ASN A 129 9.45 0.15 -22.50
CA ASN A 129 8.88 -0.76 -23.48
C ASN A 129 7.41 -1.03 -23.20
N VAL A 130 6.64 -1.26 -24.25
CA VAL A 130 5.25 -1.64 -24.06
C VAL A 130 5.16 -2.99 -23.35
N LEU A 131 4.35 -3.05 -22.29
CA LEU A 131 4.17 -4.29 -21.54
C LEU A 131 2.79 -4.89 -21.79
N PHE A 132 1.78 -4.03 -21.91
CA PHE A 132 0.48 -4.50 -22.41
C PHE A 132 -0.29 -3.39 -23.14
N THR A 133 -1.22 -3.80 -23.98
CA THR A 133 -2.08 -2.84 -24.68
C THR A 133 -3.54 -3.20 -24.45
N VAL A 134 -4.41 -2.22 -24.60
CA VAL A 134 -5.83 -2.39 -24.37
C VAL A 134 -6.59 -1.66 -25.47
N GLU A 135 -7.59 -2.30 -26.03
CA GLU A 135 -8.46 -1.63 -27.01
C GLU A 135 -9.87 -2.18 -26.96
N ASN A 136 -10.83 -1.37 -27.36
CA ASN A 136 -12.21 -1.82 -27.43
C ASN A 136 -12.44 -2.63 -28.70
N THR A 137 -13.31 -3.62 -28.63
CA THR A 137 -13.59 -4.49 -29.77
C THR A 137 -14.92 -4.16 -30.43
N ASP A 138 -15.63 -3.21 -29.85
CA ASP A 138 -16.91 -2.73 -30.38
C ASP A 138 -16.84 -1.21 -30.43
N PRO A 139 -17.14 -0.63 -31.60
CA PRO A 139 -17.08 0.83 -31.75
C PRO A 139 -17.94 1.60 -30.75
N GLU A 140 -19.05 1.03 -30.31
CA GLU A 140 -19.87 1.71 -29.30
C GLU A 140 -19.14 1.89 -27.97
N CYS A 141 -18.11 1.09 -27.74
CA CYS A 141 -17.45 1.07 -26.44
C CYS A 141 -16.05 1.70 -26.47
N TYR A 142 -15.88 2.72 -27.31
CA TYR A 142 -14.64 3.49 -27.38
C TYR A 142 -14.23 4.02 -26.01
N TRP A 143 -15.21 4.30 -25.16
CA TRP A 143 -15.00 4.91 -23.85
C TRP A 143 -14.50 3.90 -22.80
N LEU A 144 -14.64 2.62 -23.11
CA LEU A 144 -14.37 1.57 -22.12
C LEU A 144 -12.88 1.34 -21.90
N THR A 145 -12.08 1.60 -22.94
CA THR A 145 -10.64 1.33 -22.89
C THR A 145 -10.00 2.02 -21.71
N ASN A 146 -10.29 3.31 -21.57
CA ASN A 146 -9.69 4.05 -20.47
C ASN A 146 -10.50 4.05 -19.17
N TRP A 147 -11.75 3.60 -19.23
CA TRP A 147 -12.50 3.37 -18.00
C TRP A 147 -11.72 2.45 -17.07
N ILE A 148 -11.11 1.42 -17.65
CA ILE A 148 -10.42 0.43 -16.85
C ILE A 148 -8.93 0.73 -16.65
N GLU A 149 -8.49 1.93 -17.01
CA GLU A 149 -7.11 2.34 -16.72
C GLU A 149 -6.78 2.18 -15.24
N THR A 150 -7.68 2.64 -14.38
CA THR A 150 -7.40 2.75 -12.96
C THR A 150 -7.11 1.37 -12.36
N ILE A 151 -7.96 0.42 -12.67
CA ILE A 151 -7.80 -0.92 -12.13
C ILE A 151 -6.58 -1.62 -12.74
N LEU A 152 -6.31 -1.39 -14.03
CA LEU A 152 -5.17 -2.02 -14.68
C LEU A 152 -3.83 -1.44 -14.21
N VAL A 153 -3.79 -0.13 -13.96
CA VAL A 153 -2.56 0.54 -13.56
C VAL A 153 -2.06 0.06 -12.19
N GLN A 154 -2.98 -0.48 -11.39
CA GLN A 154 -2.59 -1.07 -10.11
C GLN A 154 -1.65 -2.27 -10.27
N SER A 155 -1.48 -2.73 -11.50
CA SER A 155 -0.45 -3.73 -11.77
C SER A 155 0.94 -3.19 -11.45
N TRP A 156 1.07 -1.86 -11.32
CA TRP A 156 2.36 -1.26 -10.92
C TRP A 156 2.89 -1.93 -9.67
N TYR A 157 1.98 -2.29 -8.77
CA TYR A 157 2.40 -2.79 -7.47
C TYR A 157 3.08 -4.16 -7.52
N PRO A 158 2.41 -5.20 -8.07
CA PRO A 158 3.15 -6.47 -8.14
C PRO A 158 4.38 -6.38 -9.05
N ILE A 159 4.32 -5.56 -10.10
CA ILE A 159 5.49 -5.38 -10.95
C ILE A 159 6.65 -4.81 -10.11
N THR A 160 6.35 -3.78 -9.33
CA THR A 160 7.38 -3.10 -8.56
C THR A 160 7.95 -3.96 -7.43
N VAL A 161 7.08 -4.64 -6.69
CA VAL A 161 7.54 -5.57 -5.66
C VAL A 161 8.42 -6.65 -6.28
N ALA A 162 7.97 -7.26 -7.36
CA ALA A 162 8.72 -8.34 -8.00
C ALA A 162 10.09 -7.85 -8.49
N THR A 163 10.10 -6.64 -9.05
CA THR A 163 11.33 -6.04 -9.58
C THR A 163 12.30 -5.69 -8.47
N ASN A 164 11.81 -5.04 -7.42
CA ASN A 164 12.66 -4.65 -6.32
C ASN A 164 13.20 -5.86 -5.54
N SER A 165 12.36 -6.89 -5.40
CA SER A 165 12.79 -8.15 -4.80
C SER A 165 13.90 -8.81 -5.65
N ARG A 166 13.71 -8.80 -6.97
CA ARG A 166 14.70 -9.40 -7.88
C ARG A 166 16.03 -8.66 -7.82
N GLU A 167 15.99 -7.33 -7.71
CA GLU A 167 17.21 -6.53 -7.60
C GLU A 167 17.99 -6.83 -6.34
N GLN A 168 17.28 -7.12 -5.25
CA GLN A 168 17.93 -7.54 -4.01
C GLN A 168 18.54 -8.93 -4.17
N LYS A 169 17.87 -9.78 -4.94
CA LYS A 169 18.40 -11.10 -5.23
C LYS A 169 19.73 -11.00 -5.99
N LYS A 170 19.84 -10.04 -6.91
CA LYS A 170 21.09 -9.83 -7.64
C LYS A 170 22.23 -9.44 -6.71
N ILE A 171 21.94 -8.57 -5.76
CA ILE A 171 22.93 -8.16 -4.77
C ILE A 171 23.38 -9.36 -3.94
N LEU A 172 22.41 -10.10 -3.42
CA LEU A 172 22.70 -11.30 -2.63
C LEU A 172 23.50 -12.32 -3.43
N ALA A 173 23.13 -12.50 -4.70
CA ALA A 173 23.82 -13.47 -5.54
C ALA A 173 25.28 -13.08 -5.71
N LYS A 174 25.53 -11.80 -5.96
CA LYS A 174 26.88 -11.31 -6.18
C LYS A 174 27.75 -11.59 -4.97
N TYR A 175 27.27 -11.24 -3.78
CA TYR A 175 28.05 -11.39 -2.56
C TYR A 175 28.13 -12.83 -2.06
N LEU A 176 27.06 -13.60 -2.25
CA LEU A 176 27.11 -15.01 -1.89
C LEU A 176 28.11 -15.76 -2.77
N LEU A 177 28.13 -15.42 -4.05
CA LEU A 177 29.07 -16.05 -4.98
C LEU A 177 30.51 -15.69 -4.62
N GLU A 178 30.74 -14.40 -4.35
CA GLU A 178 32.08 -13.92 -4.05
C GLU A 178 32.63 -14.51 -2.76
N THR A 179 31.78 -14.59 -1.73
CA THR A 179 32.27 -15.04 -0.43
C THR A 179 32.20 -16.56 -0.20
N SER A 180 31.54 -17.29 -1.09
CA SER A 180 31.36 -18.72 -0.86
C SER A 180 31.65 -19.61 -2.08
N GLY A 181 31.66 -19.01 -3.27
CA GLY A 181 31.94 -19.76 -4.48
C GLY A 181 30.74 -20.42 -5.15
N ASN A 182 29.56 -20.26 -4.55
CA ASN A 182 28.36 -20.81 -5.16
C ASN A 182 27.11 -20.04 -4.74
N LEU A 183 25.96 -20.50 -5.23
CA LEU A 183 24.69 -19.81 -4.97
C LEU A 183 23.71 -20.69 -4.19
N ASP A 184 24.24 -21.71 -3.51
CA ASP A 184 23.40 -22.60 -2.71
C ASP A 184 22.55 -21.82 -1.69
N GLY A 185 21.25 -22.06 -1.73
CA GLY A 185 20.35 -21.46 -0.76
C GLY A 185 19.97 -20.00 -1.03
N LEU A 186 20.38 -19.49 -2.18
CA LEU A 186 20.09 -18.10 -2.55
C LEU A 186 18.60 -17.78 -2.44
N GLU A 187 17.76 -18.76 -2.80
CA GLU A 187 16.31 -18.53 -2.86
C GLU A 187 15.65 -18.43 -1.49
N TYR A 188 16.44 -18.62 -0.43
CA TYR A 188 15.95 -18.45 0.94
C TYR A 188 16.64 -17.30 1.68
N LYS A 189 17.41 -16.48 0.96
CA LYS A 189 18.19 -15.42 1.63
C LYS A 189 17.44 -14.12 1.96
N LEU A 190 16.25 -13.94 1.40
CA LEU A 190 15.44 -12.76 1.70
C LEU A 190 14.02 -13.19 2.04
N HIS A 191 13.69 -13.14 3.32
CA HIS A 191 12.39 -13.61 3.82
C HIS A 191 11.41 -12.44 3.97
N ASP A 192 10.17 -12.67 3.54
CA ASP A 192 9.09 -11.67 3.62
C ASP A 192 8.53 -11.59 5.05
N PHE A 193 8.75 -10.44 5.70
CA PHE A 193 8.20 -10.15 7.04
C PHE A 193 7.09 -9.08 6.97
N GLY A 194 6.56 -8.82 5.78
CA GLY A 194 5.79 -7.60 5.57
C GLY A 194 4.30 -7.56 5.84
N TYR A 195 3.74 -8.65 6.38
CA TYR A 195 2.28 -8.75 6.50
C TYR A 195 1.66 -7.59 7.30
N ARG A 196 2.23 -7.31 8.47
CA ARG A 196 1.67 -6.27 9.34
C ARG A 196 1.91 -4.86 8.79
N GLY A 197 2.91 -4.72 7.93
CA GLY A 197 3.38 -3.41 7.49
C GLY A 197 2.82 -2.92 6.17
N VAL A 198 1.95 -3.70 5.54
CA VAL A 198 1.26 -3.23 4.35
C VAL A 198 -0.11 -2.63 4.68
N SER A 199 -0.74 -2.07 3.67
CA SER A 199 -1.93 -1.25 3.86
C SER A 199 -3.25 -2.00 3.91
N SER A 200 -3.27 -3.27 3.49
CA SER A 200 -4.49 -4.06 3.52
C SER A 200 -4.21 -5.55 3.38
N GLN A 201 -5.23 -6.37 3.68
CA GLN A 201 -5.17 -7.79 3.44
C GLN A 201 -4.95 -8.10 1.96
N GLU A 202 -5.61 -7.37 1.06
CA GLU A 202 -5.46 -7.65 -0.36
C GLU A 202 -4.03 -7.36 -0.82
N THR A 203 -3.51 -6.22 -0.38
CA THR A 203 -2.16 -5.82 -0.72
C THR A 203 -1.15 -6.85 -0.21
N ALA A 204 -1.37 -7.36 1.00
CA ALA A 204 -0.52 -8.41 1.55
C ALA A 204 -0.39 -9.60 0.60
N GLY A 205 -1.52 -10.10 0.09
CA GLY A 205 -1.50 -11.26 -0.77
C GLY A 205 -0.78 -10.98 -2.08
N ILE A 206 -1.12 -9.85 -2.70
CA ILE A 206 -0.51 -9.46 -3.96
C ILE A 206 1.00 -9.26 -3.81
N GLY A 207 1.40 -8.48 -2.82
CA GLY A 207 2.81 -8.22 -2.57
C GLY A 207 3.61 -9.48 -2.24
N ALA A 208 3.09 -10.30 -1.34
CA ALA A 208 3.78 -11.53 -0.98
C ALA A 208 3.96 -12.43 -2.20
N SER A 209 2.95 -12.50 -3.07
CA SER A 209 3.04 -13.37 -4.23
C SER A 209 4.13 -12.88 -5.18
N ALA A 210 4.31 -11.56 -5.26
CA ALA A 210 5.29 -10.95 -6.14
C ALA A 210 6.71 -11.24 -5.64
N HIS A 211 6.91 -11.18 -4.33
CA HIS A 211 8.20 -11.56 -3.76
C HIS A 211 8.55 -13.03 -4.05
N LEU A 212 7.53 -13.90 -4.03
CA LEU A 212 7.72 -15.32 -4.26
C LEU A 212 8.10 -15.65 -5.70
N VAL A 213 8.01 -14.68 -6.60
CA VAL A 213 8.55 -14.84 -7.94
C VAL A 213 10.06 -15.10 -7.87
N ASN A 214 10.70 -14.54 -6.84
CA ASN A 214 12.16 -14.56 -6.71
C ASN A 214 12.70 -15.44 -5.58
N PHE A 215 11.92 -15.59 -4.52
CA PHE A 215 12.40 -16.28 -3.33
C PHE A 215 11.34 -17.29 -2.87
N LYS A 216 11.71 -18.14 -1.90
CA LYS A 216 10.78 -19.17 -1.42
C LYS A 216 10.36 -18.98 0.03
N GLY A 217 10.92 -17.97 0.70
CA GLY A 217 10.66 -17.77 2.12
C GLY A 217 9.71 -16.61 2.41
N THR A 218 8.61 -16.91 3.09
CA THR A 218 7.63 -15.89 3.45
C THR A 218 6.89 -16.23 4.75
N ASP A 219 6.55 -15.19 5.51
CA ASP A 219 5.62 -15.33 6.62
C ASP A 219 4.30 -14.65 6.29
N THR A 220 4.20 -14.10 5.08
CA THR A 220 2.96 -13.48 4.66
C THR A 220 2.07 -14.52 3.98
N VAL A 221 1.34 -15.26 4.82
CA VAL A 221 0.56 -16.42 4.41
C VAL A 221 -0.42 -16.13 3.27
N ALA A 222 -0.93 -14.91 3.24
CA ALA A 222 -1.90 -14.49 2.23
C ALA A 222 -1.40 -14.74 0.80
N GLY A 223 -0.09 -14.69 0.60
CA GLY A 223 0.48 -14.90 -0.72
C GLY A 223 0.23 -16.29 -1.28
N LEU A 224 0.22 -17.29 -0.42
CA LEU A 224 0.02 -18.68 -0.87
C LEU A 224 -1.36 -18.88 -1.50
N ALA A 225 -2.40 -18.36 -0.86
CA ALA A 225 -3.76 -18.56 -1.35
C ALA A 225 -3.97 -17.87 -2.69
N LEU A 226 -3.34 -16.71 -2.87
CA LEU A 226 -3.48 -15.98 -4.12
C LEU A 226 -2.85 -16.79 -5.25
N ILE A 227 -1.64 -17.30 -5.00
CA ILE A 227 -0.95 -18.09 -6.02
C ILE A 227 -1.73 -19.35 -6.39
N LYS A 228 -2.25 -20.05 -5.39
CA LYS A 228 -2.99 -21.28 -5.62
C LYS A 228 -4.23 -21.04 -6.46
N LYS A 229 -4.90 -19.92 -6.20
CA LYS A 229 -6.16 -19.61 -6.87
C LYS A 229 -5.99 -19.06 -8.28
N TYR A 230 -4.99 -18.21 -8.49
CA TYR A 230 -4.86 -17.48 -9.75
C TYR A 230 -3.73 -17.92 -10.68
N TYR A 231 -2.76 -18.66 -10.15
CA TYR A 231 -1.58 -19.02 -10.94
C TYR A 231 -1.28 -20.52 -10.94
N GLY A 232 -1.08 -21.08 -9.76
CA GLY A 232 -0.88 -22.52 -9.61
C GLY A 232 0.59 -22.92 -9.64
N THR A 233 0.92 -23.92 -8.83
CA THR A 233 2.26 -24.48 -8.85
C THR A 233 2.21 -26.01 -8.75
N LYS A 234 3.23 -26.67 -9.30
CA LYS A 234 3.30 -28.13 -9.23
C LYS A 234 3.48 -28.59 -7.79
N ASP A 235 4.31 -27.87 -7.03
CA ASP A 235 4.48 -28.13 -5.60
C ASP A 235 3.21 -27.74 -4.84
N PRO A 236 2.96 -28.39 -3.69
CA PRO A 236 1.78 -28.04 -2.89
C PRO A 236 1.72 -26.55 -2.53
N VAL A 237 2.85 -25.97 -2.12
CA VAL A 237 2.90 -24.53 -1.82
C VAL A 237 4.10 -23.82 -2.47
N PRO A 238 3.96 -22.52 -2.76
CA PRO A 238 5.04 -21.75 -3.37
C PRO A 238 6.06 -21.18 -2.37
N GLY A 239 5.69 -21.11 -1.10
CA GLY A 239 6.54 -20.48 -0.10
C GLY A 239 6.49 -21.18 1.24
N TYR A 240 7.56 -20.99 2.03
CA TYR A 240 7.76 -21.75 3.25
C TYR A 240 8.23 -20.86 4.39
N SER A 241 8.04 -21.35 5.62
CA SER A 241 8.51 -20.62 6.79
C SER A 241 9.15 -21.57 7.79
N VAL A 242 9.68 -21.02 8.89
CA VAL A 242 10.25 -21.81 9.97
C VAL A 242 9.74 -21.30 11.31
N PRO A 243 9.69 -22.17 12.33
CA PRO A 243 9.29 -21.72 13.66
C PRO A 243 10.18 -20.60 14.15
N ALA A 244 9.62 -19.67 14.89
CA ALA A 244 10.36 -18.52 15.34
C ALA A 244 9.66 -17.84 16.50
N ALA A 245 10.43 -17.24 17.38
CA ALA A 245 9.88 -16.48 18.49
C ALA A 245 9.54 -15.06 18.06
N GLU A 246 8.68 -14.41 18.82
CA GLU A 246 8.52 -12.97 18.76
C GLU A 246 8.87 -12.44 20.14
N HIS A 247 8.98 -11.12 20.28
CA HIS A 247 9.36 -10.58 21.57
C HIS A 247 8.42 -11.02 22.69
N SER A 248 7.13 -11.12 22.39
CA SER A 248 6.16 -11.48 23.42
C SER A 248 6.40 -12.88 24.00
N THR A 249 6.85 -13.84 23.19
CA THR A 249 7.09 -15.18 23.72
C THR A 249 8.38 -15.28 24.54
N ILE A 250 9.22 -14.25 24.44
CA ILE A 250 10.39 -14.11 25.29
C ILE A 250 10.05 -13.28 26.53
N THR A 251 9.51 -12.08 26.32
CA THR A 251 9.27 -11.15 27.43
C THR A 251 8.21 -11.65 28.43
N ALA A 252 7.30 -12.50 27.96
CA ALA A 252 6.26 -13.07 28.82
C ALA A 252 6.85 -13.86 30.00
N TRP A 253 8.09 -14.31 29.87
CA TRP A 253 8.73 -15.08 30.93
C TRP A 253 9.22 -14.19 32.07
N GLY A 254 9.25 -12.88 31.81
CA GLY A 254 9.77 -11.94 32.78
C GLY A 254 11.22 -11.61 32.47
N LYS A 255 11.62 -10.38 32.80
CA LYS A 255 12.96 -9.88 32.51
C LYS A 255 14.10 -10.80 32.97
N ASP A 256 13.97 -11.32 34.19
CA ASP A 256 15.04 -12.15 34.77
C ASP A 256 15.08 -13.57 34.21
N HIS A 257 14.17 -13.88 33.31
CA HIS A 257 14.04 -15.26 32.85
C HIS A 257 14.19 -15.41 31.34
N GLU A 258 14.93 -14.50 30.73
CA GLU A 258 15.22 -14.61 29.29
C GLU A 258 15.86 -15.97 28.97
N LYS A 259 16.80 -16.41 29.79
CA LYS A 259 17.46 -17.70 29.57
C LYS A 259 16.46 -18.85 29.56
N ASP A 260 15.53 -18.82 30.50
CA ASP A 260 14.51 -19.86 30.58
C ASP A 260 13.64 -19.88 29.32
N ALA A 261 13.32 -18.69 28.81
CA ALA A 261 12.55 -18.58 27.57
C ALA A 261 13.30 -19.21 26.40
N PHE A 262 14.56 -18.81 26.24
CA PHE A 262 15.41 -19.34 25.17
C PHE A 262 15.48 -20.87 25.26
N GLU A 263 15.76 -21.36 26.46
CA GLU A 263 15.91 -22.80 26.66
C GLU A 263 14.62 -23.55 26.30
N HIS A 264 13.48 -23.04 26.77
CA HIS A 264 12.19 -23.67 26.49
C HIS A 264 11.94 -23.74 24.99
N ILE A 265 12.19 -22.62 24.30
CA ILE A 265 11.89 -22.52 22.89
C ILE A 265 12.76 -23.43 22.02
N VAL A 266 14.07 -23.45 22.24
CA VAL A 266 14.94 -24.28 21.40
C VAL A 266 14.71 -25.76 21.67
N THR A 267 14.21 -26.07 22.86
CA THR A 267 13.94 -27.45 23.22
C THR A 267 12.61 -27.91 22.61
N GLN A 268 11.63 -27.00 22.56
CA GLN A 268 10.36 -27.28 21.89
C GLN A 268 10.59 -27.51 20.39
N PHE A 269 11.55 -26.79 19.83
CA PHE A 269 11.84 -26.92 18.41
C PHE A 269 13.27 -27.42 18.21
N SER A 270 13.55 -28.61 18.75
CA SER A 270 14.91 -29.13 18.79
C SER A 270 15.36 -29.79 17.49
N SER A 271 14.41 -30.21 16.66
CA SER A 271 14.76 -30.96 15.46
C SER A 271 14.33 -30.27 14.16
N VAL A 272 13.98 -28.99 14.26
CA VAL A 272 13.67 -28.16 13.10
C VAL A 272 14.44 -26.85 13.26
N PRO A 273 14.64 -26.10 12.16
CA PRO A 273 15.26 -24.78 12.34
C PRO A 273 14.38 -23.92 13.25
N VAL A 274 15.00 -23.07 14.06
CA VAL A 274 14.22 -22.15 14.88
C VAL A 274 14.94 -20.81 15.01
N SER A 275 14.19 -19.74 14.78
CA SER A 275 14.71 -18.39 14.93
C SER A 275 14.30 -17.83 16.28
N VAL A 276 15.25 -17.26 17.01
CA VAL A 276 14.93 -16.72 18.33
C VAL A 276 15.44 -15.29 18.45
N VAL A 277 14.48 -14.36 18.56
CA VAL A 277 14.78 -12.95 18.69
C VAL A 277 15.52 -12.71 20.02
N SER A 278 16.64 -12.02 19.95
CA SER A 278 17.59 -12.04 21.06
C SER A 278 17.91 -10.66 21.62
N ASP A 279 17.18 -9.64 21.18
CA ASP A 279 17.49 -8.26 21.56
C ASP A 279 16.47 -7.63 22.52
N SER A 280 15.64 -8.43 23.18
CA SER A 280 14.59 -7.88 24.06
C SER A 280 15.16 -6.92 25.10
N TYR A 281 16.35 -7.24 25.60
CA TYR A 281 16.98 -6.43 26.64
C TYR A 281 18.41 -6.03 26.30
N ASP A 282 19.22 -7.00 25.88
CA ASP A 282 20.62 -6.74 25.54
C ASP A 282 21.10 -7.84 24.61
N ILE A 283 21.08 -7.53 23.31
CA ILE A 283 21.46 -8.49 22.27
C ILE A 283 22.88 -9.02 22.47
N TYR A 284 23.77 -8.16 22.94
CA TYR A 284 25.18 -8.54 23.06
C TYR A 284 25.40 -9.49 24.23
N ASN A 285 24.73 -9.21 25.35
CA ASN A 285 24.68 -10.13 26.47
C ASN A 285 24.06 -11.47 26.10
N ALA A 286 22.96 -11.41 25.34
CA ALA A 286 22.26 -12.64 24.94
C ALA A 286 23.18 -13.53 24.12
N CYS A 287 23.91 -12.93 23.18
CA CYS A 287 24.81 -13.69 22.33
C CYS A 287 26.03 -14.20 23.10
N GLU A 288 26.65 -13.35 23.90
CA GLU A 288 27.90 -13.73 24.53
C GLU A 288 27.71 -14.63 25.74
N LYS A 289 26.71 -14.30 26.56
CA LYS A 289 26.55 -15.00 27.84
C LYS A 289 25.46 -16.05 27.82
N ILE A 290 24.32 -15.75 27.22
CA ILE A 290 23.22 -16.71 27.24
C ILE A 290 23.43 -17.80 26.20
N TRP A 291 23.45 -17.43 24.92
CA TRP A 291 23.71 -18.42 23.89
C TRP A 291 25.14 -18.95 23.97
N GLY A 292 26.09 -18.04 24.23
CA GLY A 292 27.49 -18.36 24.10
C GLY A 292 28.10 -19.11 25.28
N GLU A 293 27.40 -19.11 26.41
CA GLU A 293 27.91 -19.77 27.61
C GLU A 293 26.83 -20.64 28.25
N ASP A 294 25.79 -20.00 28.80
CA ASP A 294 24.77 -20.71 29.57
C ASP A 294 24.07 -21.82 28.80
N LEU A 295 23.72 -21.55 27.54
CA LEU A 295 22.94 -22.50 26.74
C LEU A 295 23.73 -23.07 25.57
N ARG A 296 25.05 -22.85 25.55
CA ARG A 296 25.90 -23.31 24.45
C ARG A 296 25.71 -24.80 24.18
N HIS A 297 25.54 -25.58 25.24
CA HIS A 297 25.39 -27.03 25.10
C HIS A 297 24.14 -27.44 24.32
N LEU A 298 23.12 -26.59 24.31
CA LEU A 298 21.90 -26.86 23.56
C LEU A 298 22.01 -26.45 22.11
N ILE A 299 23.06 -25.70 21.78
CA ILE A 299 23.24 -25.19 20.42
C ILE A 299 24.18 -26.11 19.64
N VAL A 300 25.32 -26.44 20.23
CA VAL A 300 26.33 -27.23 19.51
C VAL A 300 25.88 -28.66 19.24
N SER A 301 24.79 -29.08 19.88
CA SER A 301 24.26 -30.42 19.71
C SER A 301 23.24 -30.50 18.57
N ARG A 302 22.91 -29.35 17.99
CA ARG A 302 21.87 -29.31 16.97
C ARG A 302 22.32 -29.81 15.60
N SER A 303 21.36 -30.32 14.83
CA SER A 303 21.60 -30.81 13.48
C SER A 303 21.86 -29.66 12.51
N THR A 304 22.57 -29.94 11.42
CA THR A 304 22.78 -28.92 10.40
C THR A 304 21.47 -28.61 9.67
N GLN A 305 20.51 -29.54 9.75
CA GLN A 305 19.19 -29.35 9.16
C GLN A 305 18.25 -28.63 10.12
N ALA A 306 18.73 -28.37 11.33
CA ALA A 306 17.92 -27.70 12.35
C ALA A 306 18.72 -26.67 13.16
N PRO A 307 19.31 -25.69 12.47
CA PRO A 307 20.14 -24.73 13.21
C PRO A 307 19.33 -23.81 14.09
N LEU A 308 19.99 -23.22 15.09
CA LEU A 308 19.48 -22.02 15.73
C LEU A 308 19.79 -20.82 14.85
N ILE A 309 18.79 -19.99 14.60
CA ILE A 309 19.02 -18.74 13.91
C ILE A 309 18.82 -17.62 14.91
N ILE A 310 19.89 -16.89 15.21
CA ILE A 310 19.81 -15.78 16.13
C ILE A 310 19.31 -14.53 15.40
N ARG A 311 18.32 -13.87 15.99
CA ARG A 311 17.71 -12.70 15.36
C ARG A 311 17.89 -11.43 16.19
N PRO A 312 18.85 -10.59 15.79
CA PRO A 312 18.87 -9.22 16.33
C PRO A 312 17.71 -8.44 15.72
N ASP A 313 17.29 -7.34 16.34
CA ASP A 313 16.12 -6.61 15.82
C ASP A 313 16.17 -5.11 16.12
N SER A 314 17.36 -4.60 16.40
CA SER A 314 17.49 -3.18 16.76
C SER A 314 18.94 -2.74 16.65
N GLY A 315 19.14 -1.43 16.61
CA GLY A 315 20.47 -0.86 16.46
C GLY A 315 20.78 -0.62 15.01
N ASN A 316 21.92 0.00 14.73
CA ASN A 316 22.37 0.14 13.36
C ASN A 316 22.52 -1.25 12.75
N PRO A 317 21.83 -1.52 11.64
CA PRO A 317 21.84 -2.87 11.05
C PRO A 317 23.23 -3.42 10.76
N LEU A 318 24.10 -2.67 10.09
CA LEU A 318 25.45 -3.15 9.80
C LEU A 318 26.27 -3.34 11.07
N ASP A 319 26.33 -2.30 11.91
CA ASP A 319 27.12 -2.38 13.13
C ASP A 319 26.68 -3.55 14.00
N THR A 320 25.37 -3.76 14.10
CA THR A 320 24.83 -4.82 14.95
C THR A 320 25.16 -6.20 14.40
N VAL A 321 24.95 -6.40 13.10
CA VAL A 321 25.31 -7.67 12.46
C VAL A 321 26.78 -7.99 12.69
N LEU A 322 27.66 -7.02 12.45
CA LEU A 322 29.10 -7.24 12.62
C LEU A 322 29.48 -7.59 14.06
N LYS A 323 28.88 -6.90 15.03
CA LYS A 323 29.17 -7.15 16.43
C LYS A 323 28.61 -8.50 16.89
N VAL A 324 27.43 -8.85 16.42
CA VAL A 324 26.88 -10.17 16.70
C VAL A 324 27.78 -11.27 16.15
N LEU A 325 28.22 -11.13 14.90
CA LEU A 325 29.12 -12.12 14.31
C LEU A 325 30.46 -12.19 15.06
N GLU A 326 30.98 -11.03 15.46
CA GLU A 326 32.23 -10.96 16.21
C GLU A 326 32.09 -11.74 17.53
N ILE A 327 30.98 -11.52 18.23
CA ILE A 327 30.71 -12.20 19.49
C ILE A 327 30.62 -13.71 19.30
N LEU A 328 29.79 -14.13 18.35
CA LEU A 328 29.55 -15.54 18.11
C LEU A 328 30.83 -16.25 17.66
N GLY A 329 31.66 -15.55 16.91
CA GLY A 329 32.90 -16.10 16.43
C GLY A 329 33.91 -16.41 17.52
N LYS A 330 33.75 -15.77 18.68
CA LYS A 330 34.65 -16.04 19.81
C LYS A 330 34.13 -17.17 20.68
N LYS A 331 32.82 -17.42 20.62
CA LYS A 331 32.22 -18.42 21.51
C LYS A 331 31.96 -19.74 20.80
N PHE A 332 31.98 -19.72 19.47
CA PHE A 332 31.71 -20.91 18.67
C PHE A 332 32.85 -21.19 17.68
N PRO A 333 33.04 -22.48 17.31
CA PRO A 333 34.15 -22.78 16.40
C PRO A 333 33.89 -22.22 15.00
N VAL A 334 34.75 -21.33 14.54
CA VAL A 334 34.60 -20.76 13.22
C VAL A 334 35.59 -21.42 12.26
N THR A 335 35.16 -21.64 11.02
CA THR A 335 36.07 -22.15 10.01
C THR A 335 36.34 -21.08 8.95
N GLU A 336 37.27 -21.37 8.06
CA GLU A 336 37.53 -20.49 6.93
C GLU A 336 37.23 -21.27 5.66
N ASN A 337 36.30 -20.78 4.85
CA ASN A 337 35.92 -21.51 3.65
C ASN A 337 37.00 -21.40 2.55
N SER A 338 36.76 -22.03 1.41
CA SER A 338 37.78 -22.08 0.37
C SER A 338 38.05 -20.74 -0.27
N LYS A 339 37.16 -19.77 -0.02
CA LYS A 339 37.32 -18.42 -0.56
C LYS A 339 38.05 -17.50 0.43
N GLY A 340 38.31 -18.00 1.63
CA GLY A 340 39.02 -17.25 2.65
C GLY A 340 38.12 -16.50 3.61
N TYR A 341 36.83 -16.81 3.59
CA TYR A 341 35.85 -16.12 4.43
C TYR A 341 35.42 -16.95 5.64
N LYS A 342 35.14 -16.25 6.74
CA LYS A 342 34.79 -16.89 7.99
C LYS A 342 33.37 -17.46 7.96
N LEU A 343 33.23 -18.66 8.51
CA LEU A 343 31.95 -19.37 8.50
C LEU A 343 31.64 -19.95 9.86
N LEU A 344 30.47 -19.59 10.39
CA LEU A 344 29.96 -20.15 11.64
C LEU A 344 29.72 -21.65 11.47
N PRO A 345 29.66 -22.39 12.59
CA PRO A 345 29.33 -23.82 12.48
C PRO A 345 27.92 -23.98 11.91
N PRO A 346 27.62 -25.14 11.30
CA PRO A 346 26.37 -25.26 10.55
C PRO A 346 25.09 -25.27 11.39
N TYR A 347 25.23 -25.39 12.72
CA TYR A 347 24.06 -25.39 13.59
C TYR A 347 23.72 -23.97 14.05
N LEU A 348 24.43 -22.98 13.53
CA LEU A 348 24.25 -21.61 13.99
C LEU A 348 24.26 -20.60 12.84
N ARG A 349 23.19 -19.80 12.75
CA ARG A 349 23.09 -18.77 11.71
C ARG A 349 22.48 -17.50 12.30
N VAL A 350 22.47 -16.43 11.51
CA VAL A 350 21.89 -15.16 11.96
C VAL A 350 20.87 -14.67 10.92
N ILE A 351 19.82 -14.01 11.37
CA ILE A 351 18.95 -13.28 10.45
C ILE A 351 18.80 -11.82 10.89
N GLN A 352 19.07 -10.90 9.96
CA GLN A 352 18.84 -9.48 10.21
C GLN A 352 17.51 -9.12 9.55
N GLY A 353 16.54 -8.75 10.37
CA GLY A 353 15.20 -8.48 9.87
C GLY A 353 14.62 -7.17 10.35
N ASP A 354 15.50 -6.25 10.72
CA ASP A 354 15.09 -4.88 11.09
C ASP A 354 15.78 -3.88 10.17
N GLY A 355 15.00 -2.99 9.56
CA GLY A 355 15.55 -1.89 8.80
C GLY A 355 16.19 -2.29 7.47
N VAL A 356 15.86 -3.46 6.97
CA VAL A 356 16.39 -3.93 5.70
C VAL A 356 15.57 -3.45 4.49
N ASP A 357 16.23 -2.71 3.61
CA ASP A 357 15.69 -2.40 2.29
C ASP A 357 16.81 -2.57 1.28
N ILE A 358 16.55 -2.28 0.01
CA ILE A 358 17.55 -2.56 -1.01
C ILE A 358 18.89 -1.84 -0.75
N ASN A 359 18.81 -0.64 -0.16
CA ASN A 359 20.01 0.13 0.12
C ASN A 359 20.81 -0.40 1.31
N THR A 360 20.11 -0.70 2.40
CA THR A 360 20.79 -1.20 3.60
C THR A 360 21.28 -2.63 3.40
N LEU A 361 20.55 -3.41 2.59
CA LEU A 361 20.98 -4.76 2.26
C LEU A 361 22.37 -4.73 1.65
N GLN A 362 22.54 -3.84 0.66
CA GLN A 362 23.82 -3.64 0.01
C GLN A 362 24.91 -3.24 1.01
N GLU A 363 24.58 -2.33 1.91
CA GLU A 363 25.55 -1.87 2.92
C GLU A 363 25.98 -3.01 3.85
N ILE A 364 25.03 -3.85 4.24
CA ILE A 364 25.33 -4.94 5.15
C ILE A 364 26.24 -5.98 4.51
N VAL A 365 25.88 -6.46 3.31
CA VAL A 365 26.71 -7.49 2.68
C VAL A 365 28.11 -6.99 2.34
N GLU A 366 28.22 -5.72 1.93
CA GLU A 366 29.53 -5.15 1.63
C GLU A 366 30.38 -5.03 2.89
N GLY A 367 29.73 -4.63 3.99
CA GLY A 367 30.41 -4.53 5.27
C GLY A 367 30.87 -5.88 5.77
N MET A 368 30.03 -6.89 5.61
CA MET A 368 30.41 -8.26 5.97
C MET A 368 31.62 -8.72 5.15
N LYS A 369 31.57 -8.48 3.85
CA LYS A 369 32.67 -8.87 2.98
C LYS A 369 33.97 -8.22 3.42
N GLN A 370 33.91 -6.94 3.76
CA GLN A 370 35.13 -6.22 4.18
C GLN A 370 35.72 -6.80 5.46
N LYS A 371 34.84 -7.32 6.31
CA LYS A 371 35.27 -7.93 7.57
C LYS A 371 35.50 -9.44 7.44
N MET A 372 35.53 -9.93 6.20
CA MET A 372 35.82 -11.34 5.90
C MET A 372 34.80 -12.36 6.43
N TRP A 373 33.54 -11.95 6.54
CA TRP A 373 32.47 -12.87 6.90
C TRP A 373 31.71 -13.32 5.66
N SER A 374 31.55 -14.63 5.51
CA SER A 374 30.77 -15.16 4.39
C SER A 374 29.29 -14.81 4.50
N ILE A 375 28.67 -14.53 3.37
CA ILE A 375 27.22 -14.31 3.32
C ILE A 375 26.44 -15.60 3.64
N GLU A 376 27.13 -16.74 3.63
CA GLU A 376 26.54 -18.00 4.07
C GLU A 376 25.98 -17.88 5.49
N ASN A 377 26.60 -17.03 6.30
CA ASN A 377 26.23 -16.89 7.71
C ASN A 377 24.89 -16.25 7.98
N ILE A 378 24.37 -15.52 7.00
CA ILE A 378 23.28 -14.60 7.26
C ILE A 378 22.13 -14.72 6.25
N ALA A 379 20.92 -14.49 6.75
CA ALA A 379 19.75 -14.26 5.91
C ALA A 379 19.16 -12.93 6.31
N PHE A 380 18.30 -12.41 5.45
CA PHE A 380 17.67 -11.13 5.69
C PHE A 380 16.17 -11.28 5.71
N GLY A 381 15.52 -10.56 6.61
CA GLY A 381 14.08 -10.45 6.61
C GLY A 381 13.76 -9.01 6.29
N SER A 382 12.71 -8.78 5.50
CA SER A 382 12.34 -7.43 5.14
C SER A 382 10.82 -7.34 5.11
N GLY A 383 10.29 -6.30 5.74
CA GLY A 383 8.86 -6.14 5.84
C GLY A 383 8.39 -4.91 5.10
N GLY A 384 8.42 -3.77 5.77
CA GLY A 384 8.04 -2.50 5.17
C GLY A 384 8.83 -2.19 3.90
N GLY A 385 10.14 -2.40 3.94
CA GLY A 385 10.97 -2.11 2.79
C GLY A 385 10.63 -2.97 1.58
N LEU A 386 10.16 -4.18 1.85
CA LEU A 386 9.90 -5.17 0.79
C LEU A 386 8.54 -4.96 0.10
N LEU A 387 7.52 -4.66 0.90
CA LEU A 387 6.15 -4.66 0.40
C LEU A 387 5.42 -3.33 0.48
N GLN A 388 5.89 -2.39 1.29
CA GLN A 388 5.14 -1.14 1.48
C GLN A 388 5.86 0.12 1.02
N LYS A 389 7.17 0.19 1.24
CA LYS A 389 7.93 1.40 0.89
C LYS A 389 8.27 1.44 -0.61
N LEU A 390 7.22 1.48 -1.43
CA LEU A 390 7.33 1.46 -2.88
C LEU A 390 6.18 2.29 -3.43
N THR A 391 6.44 3.03 -4.51
CA THR A 391 5.41 3.83 -5.14
C THR A 391 5.44 3.65 -6.65
N ARG A 392 4.39 4.15 -7.30
CA ARG A 392 4.23 3.99 -8.74
C ARG A 392 5.30 4.78 -9.50
N ASP A 393 5.93 5.75 -8.85
CA ASP A 393 6.93 6.55 -9.55
C ASP A 393 8.35 5.95 -9.49
N LEU A 394 8.51 4.82 -8.81
CA LEU A 394 9.80 4.15 -8.78
C LEU A 394 10.17 3.66 -10.18
N LEU A 395 9.21 3.01 -10.85
CA LEU A 395 9.42 2.53 -12.22
C LEU A 395 8.64 3.35 -13.24
N ASN A 396 7.97 4.42 -12.78
CA ASN A 396 7.13 5.23 -13.64
C ASN A 396 6.13 4.42 -14.45
N CYS A 397 5.44 3.50 -13.79
CA CYS A 397 4.39 2.70 -14.42
C CYS A 397 3.23 3.60 -14.84
N SER A 398 2.86 3.54 -16.11
CA SER A 398 1.93 4.52 -16.68
C SER A 398 1.12 3.95 -17.84
N PHE A 399 -0.13 4.41 -17.97
CA PHE A 399 -1.07 3.93 -18.99
C PHE A 399 -1.46 5.15 -19.81
N LYS A 400 -1.31 5.06 -21.14
CA LYS A 400 -1.56 6.20 -22.02
C LYS A 400 -2.23 5.78 -23.33
N CYS A 401 -3.09 6.65 -23.86
CA CYS A 401 -3.69 6.41 -25.17
C CYS A 401 -2.69 6.80 -26.27
N SER A 402 -2.47 5.89 -27.22
CA SER A 402 -1.50 6.13 -28.30
C SER A 402 -2.15 6.09 -29.69
N TYR A 403 -3.39 5.65 -29.79
CA TYR A 403 -4.02 5.49 -31.10
C TYR A 403 -5.53 5.57 -30.99
N VAL A 404 -6.14 6.34 -31.89
CA VAL A 404 -7.60 6.39 -31.96
C VAL A 404 -8.04 6.32 -33.41
N VAL A 405 -9.28 5.87 -33.63
CA VAL A 405 -9.90 5.94 -34.93
C VAL A 405 -11.11 6.87 -34.85
N THR A 406 -11.09 7.93 -35.65
CA THR A 406 -12.19 8.90 -35.67
C THR A 406 -12.59 9.14 -37.12
N ASN A 407 -13.90 9.06 -37.40
CA ASN A 407 -14.41 9.15 -38.77
C ASN A 407 -13.74 8.15 -39.70
N GLY A 408 -13.42 6.98 -39.16
CA GLY A 408 -12.83 5.91 -39.94
C GLY A 408 -11.35 6.07 -40.22
N LEU A 409 -10.75 7.11 -39.68
CA LEU A 409 -9.31 7.34 -39.89
C LEU A 409 -8.50 7.15 -38.61
N GLY A 410 -7.44 6.36 -38.70
CA GLY A 410 -6.55 6.17 -37.57
C GLY A 410 -5.65 7.38 -37.35
N ILE A 411 -5.50 7.78 -36.09
CA ILE A 411 -4.64 8.90 -35.73
C ILE A 411 -3.68 8.47 -34.62
N ASN A 412 -2.39 8.76 -34.80
CA ASN A 412 -1.40 8.46 -33.77
C ASN A 412 -1.36 9.61 -32.77
N VAL A 413 -1.62 9.31 -31.51
CA VAL A 413 -1.73 10.37 -30.52
C VAL A 413 -0.77 10.17 -29.36
N PHE A 414 -0.54 11.22 -28.59
CA PHE A 414 0.49 11.22 -27.56
C PHE A 414 0.42 12.52 -26.77
N LYS A 415 1.07 12.52 -25.61
CA LYS A 415 1.37 13.76 -24.87
C LYS A 415 2.88 14.03 -24.93
N ASP A 416 3.25 15.29 -24.77
CA ASP A 416 4.65 15.71 -24.84
C ASP A 416 4.81 17.06 -24.14
N PRO A 417 4.70 17.07 -22.80
CA PRO A 417 4.69 18.35 -22.05
C PRO A 417 6.00 19.10 -22.19
N VAL A 418 5.92 20.40 -22.48
CA VAL A 418 7.09 21.22 -22.78
C VAL A 418 8.14 21.24 -21.65
N ALA A 419 7.68 21.18 -20.40
CA ALA A 419 8.58 21.29 -19.26
C ALA A 419 9.08 19.95 -18.73
N ASP A 420 8.63 18.86 -19.32
CA ASP A 420 9.09 17.53 -18.90
C ASP A 420 9.07 16.49 -20.00
N PRO A 421 10.16 16.41 -20.79
CA PRO A 421 10.34 15.38 -21.83
C PRO A 421 10.24 13.95 -21.28
N ASN A 422 10.48 13.76 -19.99
CA ASN A 422 10.35 12.44 -19.38
C ASN A 422 8.93 11.90 -19.41
N LYS A 423 7.95 12.78 -19.55
CA LYS A 423 6.55 12.37 -19.58
C LYS A 423 5.99 12.19 -20.99
N ARG A 424 6.82 12.35 -22.00
CA ARG A 424 6.39 12.09 -23.37
C ARG A 424 5.92 10.64 -23.51
N SER A 425 4.82 10.43 -24.22
CA SER A 425 4.29 9.09 -24.42
C SER A 425 4.47 8.61 -25.86
N LYS A 426 4.28 7.31 -26.08
CA LYS A 426 4.51 6.71 -27.40
C LYS A 426 3.36 6.95 -28.38
N LYS A 427 3.65 6.87 -29.68
CA LYS A 427 2.69 7.20 -30.72
C LYS A 427 2.21 5.98 -31.51
N GLY A 428 0.91 5.86 -31.70
CA GLY A 428 0.36 4.86 -32.61
C GLY A 428 0.24 3.44 -32.07
N ARG A 429 -0.03 2.50 -32.98
CA ARG A 429 -0.11 1.10 -32.61
C ARG A 429 1.27 0.54 -32.28
N LEU A 430 1.36 -0.21 -31.19
CA LEU A 430 2.65 -0.64 -30.67
C LEU A 430 2.82 -2.15 -30.77
N SER A 431 4.08 -2.58 -30.81
CA SER A 431 4.40 -4.00 -30.70
C SER A 431 5.78 -4.14 -30.10
N LEU A 432 6.02 -5.29 -29.46
CA LEU A 432 7.29 -5.55 -28.80
C LEU A 432 8.03 -6.67 -29.52
N HIS A 433 9.33 -6.47 -29.77
CA HIS A 433 10.11 -7.41 -30.56
C HIS A 433 11.50 -7.63 -30.01
N ARG A 434 12.09 -8.74 -30.40
CA ARG A 434 13.50 -9.01 -30.17
C ARG A 434 14.31 -8.28 -31.24
N THR A 435 15.41 -7.67 -30.84
CA THR A 435 16.32 -7.02 -31.79
C THR A 435 17.29 -8.07 -32.34
N PRO A 436 18.02 -7.74 -33.42
CA PRO A 436 18.98 -8.71 -33.95
C PRO A 436 20.02 -9.16 -32.90
N ALA A 437 20.33 -8.29 -31.93
CA ALA A 437 21.29 -8.64 -30.89
C ALA A 437 20.66 -9.39 -29.71
N GLY A 438 19.34 -9.60 -29.76
CA GLY A 438 18.67 -10.33 -28.71
C GLY A 438 18.08 -9.47 -27.61
N ASN A 439 18.10 -8.15 -27.82
CA ASN A 439 17.51 -7.22 -26.86
C ASN A 439 16.05 -6.97 -27.20
N PHE A 440 15.42 -6.02 -26.51
CA PHE A 440 14.02 -5.71 -26.77
C PHE A 440 13.89 -4.35 -27.45
N VAL A 441 12.87 -4.21 -28.28
CA VAL A 441 12.52 -2.92 -28.87
C VAL A 441 11.00 -2.80 -29.01
N THR A 442 10.47 -1.60 -28.72
CA THR A 442 9.06 -1.34 -28.96
C THR A 442 8.93 -0.54 -30.24
N LEU A 443 8.19 -1.07 -31.19
CA LEU A 443 7.95 -0.37 -32.46
C LEU A 443 6.68 0.46 -32.37
N GLU A 444 6.76 1.70 -32.81
CA GLU A 444 5.62 2.62 -32.75
C GLU A 444 5.00 2.80 -34.13
N GLU A 445 3.86 3.49 -34.16
CA GLU A 445 3.23 3.93 -35.42
C GLU A 445 2.86 2.76 -36.33
N GLY A 446 2.60 1.60 -35.72
CA GLY A 446 2.19 0.42 -36.46
C GLY A 446 3.29 -0.20 -37.30
N LYS A 447 4.53 0.20 -37.03
CA LYS A 447 5.67 -0.27 -37.80
C LYS A 447 5.95 -1.77 -37.64
N GLY A 448 5.39 -2.38 -36.60
CA GLY A 448 5.48 -3.82 -36.43
C GLY A 448 4.86 -4.57 -37.61
N ASP A 449 3.91 -3.91 -38.29
CA ASP A 449 3.23 -4.48 -39.45
C ASP A 449 4.16 -4.70 -40.62
N LEU A 450 5.31 -4.03 -40.61
CA LEU A 450 6.27 -4.13 -41.70
C LEU A 450 7.01 -5.45 -41.68
N GLU A 451 6.88 -6.19 -40.58
CA GLU A 451 7.45 -7.54 -40.47
C GLU A 451 8.98 -7.58 -40.57
N GLU A 452 9.64 -6.52 -40.12
CA GLU A 452 11.10 -6.45 -40.24
C GLU A 452 11.78 -6.91 -38.95
N TYR A 453 10.99 -7.14 -37.91
CA TYR A 453 11.50 -7.44 -36.59
C TYR A 453 10.91 -8.70 -35.98
N GLY A 454 10.54 -9.66 -36.82
CA GLY A 454 9.99 -10.90 -36.33
C GLY A 454 8.69 -10.74 -35.56
N GLN A 455 8.32 -11.78 -34.80
CA GLN A 455 7.01 -11.83 -34.17
C GLN A 455 6.85 -10.87 -32.99
N ASP A 456 5.66 -10.31 -32.87
CA ASP A 456 5.26 -9.51 -31.72
C ASP A 456 5.29 -10.39 -30.48
N LEU A 457 5.90 -9.91 -29.41
CA LEU A 457 6.02 -10.68 -28.18
C LEU A 457 4.80 -10.52 -27.27
N LEU A 458 3.90 -9.60 -27.63
CA LEU A 458 2.65 -9.45 -26.91
C LEU A 458 1.67 -10.52 -27.37
N HIS A 459 1.00 -11.17 -26.42
CA HIS A 459 -0.02 -12.19 -26.72
C HIS A 459 -1.38 -11.75 -26.21
N THR A 460 -2.44 -12.11 -26.92
CA THR A 460 -3.78 -11.81 -26.42
C THR A 460 -4.04 -12.61 -25.15
N VAL A 461 -4.27 -11.90 -24.05
CA VAL A 461 -4.53 -12.55 -22.76
C VAL A 461 -5.99 -12.39 -22.31
N PHE A 462 -6.70 -11.43 -22.91
CA PHE A 462 -8.08 -11.17 -22.55
C PHE A 462 -8.82 -10.70 -23.80
N LYS A 463 -9.99 -11.28 -24.04
CA LYS A 463 -10.82 -10.82 -25.16
C LYS A 463 -12.27 -11.06 -24.88
N ASN A 464 -13.07 -9.99 -24.95
CA ASN A 464 -14.52 -10.07 -24.80
C ASN A 464 -14.97 -10.86 -23.57
N GLY A 465 -14.32 -10.60 -22.44
CA GLY A 465 -14.74 -11.18 -21.18
C GLY A 465 -14.10 -12.51 -20.82
N LYS A 466 -13.24 -13.01 -21.69
CA LYS A 466 -12.60 -14.30 -21.47
C LYS A 466 -11.10 -14.14 -21.32
N VAL A 467 -10.53 -14.83 -20.34
CA VAL A 467 -9.07 -14.91 -20.24
C VAL A 467 -8.62 -15.96 -21.25
N THR A 468 -7.77 -15.56 -22.19
CA THR A 468 -7.47 -16.40 -23.34
C THR A 468 -6.10 -17.07 -23.29
N LYS A 469 -5.27 -16.61 -22.36
CA LYS A 469 -3.93 -17.15 -22.19
C LYS A 469 -3.53 -16.96 -20.74
N SER A 470 -3.04 -18.03 -20.11
CA SER A 470 -2.68 -18.01 -18.70
C SER A 470 -1.31 -18.62 -18.48
N TYR A 471 -0.69 -18.26 -17.36
CA TYR A 471 0.64 -18.76 -17.00
C TYR A 471 0.60 -19.35 -15.61
N SER A 472 1.34 -20.44 -15.40
CA SER A 472 1.47 -20.99 -14.06
C SER A 472 2.53 -20.20 -13.30
N PHE A 473 2.54 -20.33 -11.98
CA PHE A 473 3.53 -19.62 -11.19
C PHE A 473 4.92 -20.19 -11.46
N ASP A 474 4.97 -21.49 -11.80
CA ASP A 474 6.24 -22.12 -12.14
C ASP A 474 6.85 -21.49 -13.40
N GLU A 475 6.01 -21.24 -14.39
CA GLU A 475 6.45 -20.60 -15.64
C GLU A 475 6.98 -19.20 -15.37
N ILE A 476 6.26 -18.46 -14.54
CA ILE A 476 6.62 -17.11 -14.19
C ILE A 476 7.99 -17.07 -13.50
N ARG A 477 8.19 -17.98 -12.56
CA ARG A 477 9.49 -18.11 -11.90
C ARG A 477 10.62 -18.40 -12.88
N LYS A 478 10.35 -19.26 -13.86
CA LYS A 478 11.36 -19.59 -14.87
C LYS A 478 11.72 -18.35 -15.68
N ASN A 479 10.69 -17.60 -16.08
CA ASN A 479 10.91 -16.40 -16.88
C ASN A 479 11.71 -15.34 -16.12
N ALA A 480 11.54 -15.29 -14.81
CA ALA A 480 12.13 -14.23 -13.99
C ALA A 480 13.51 -14.56 -13.43
N GLN A 481 14.08 -15.69 -13.80
CA GLN A 481 15.40 -16.10 -13.29
C GLN A 481 16.49 -15.08 -13.57
N LEU A 482 17.48 -15.02 -12.69
CA LEU A 482 18.66 -14.19 -12.92
C LEU A 482 19.55 -14.83 -13.97
N ASN A 483 20.32 -14.01 -14.66
CA ASN A 483 21.33 -14.52 -15.60
C ASN A 483 22.32 -15.44 -14.90
N ILE A 484 22.75 -15.03 -13.70
CA ILE A 484 23.70 -15.81 -12.91
C ILE A 484 23.14 -17.20 -12.61
N GLU A 485 21.84 -17.27 -12.34
CA GLU A 485 21.16 -18.54 -12.16
C GLU A 485 21.16 -19.34 -13.46
N LEU A 486 20.98 -18.65 -14.58
CA LEU A 486 21.03 -19.28 -15.89
C LEU A 486 22.49 -19.55 -16.30
N GLU B 8 -13.34 -16.10 0.14
CA GLU B 8 -13.58 -16.51 1.51
C GLU B 8 -12.36 -16.28 2.42
N PHE B 9 -12.43 -15.23 3.20
CA PHE B 9 -11.37 -14.89 4.15
C PHE B 9 -11.32 -15.93 5.28
N ASN B 10 -10.11 -16.32 5.67
CA ASN B 10 -9.91 -17.29 6.74
C ASN B 10 -8.93 -16.73 7.76
N ILE B 11 -9.45 -16.36 8.93
CA ILE B 11 -8.62 -15.73 9.97
C ILE B 11 -7.48 -16.63 10.45
N LEU B 12 -7.64 -17.95 10.27
CA LEU B 12 -6.57 -18.88 10.65
C LEU B 12 -5.38 -18.76 9.69
N LEU B 13 -5.61 -18.14 8.54
CA LEU B 13 -4.56 -17.96 7.55
C LEU B 13 -4.27 -16.47 7.34
N ALA B 14 -4.61 -15.66 8.34
CA ALA B 14 -4.44 -14.21 8.23
C ALA B 14 -3.54 -13.65 9.31
N THR B 15 -2.42 -14.34 9.53
CA THR B 15 -1.44 -13.93 10.52
C THR B 15 -0.06 -14.20 9.94
N ASP B 16 0.97 -13.60 10.54
CA ASP B 16 2.36 -13.94 10.21
C ASP B 16 2.57 -15.41 10.51
N SER B 17 3.21 -16.12 9.58
CA SER B 17 3.39 -17.57 9.71
C SER B 17 3.95 -17.99 11.06
N TYR B 18 4.96 -17.28 11.56
CA TYR B 18 5.58 -17.73 12.81
C TYR B 18 4.62 -17.78 14.00
N LYS B 19 3.57 -16.95 13.96
CA LYS B 19 2.61 -16.93 15.06
C LYS B 19 1.88 -18.26 15.25
N VAL B 20 1.87 -19.08 14.19
CA VAL B 20 1.33 -20.43 14.28
C VAL B 20 2.07 -21.25 15.34
N THR B 21 3.34 -20.92 15.55
CA THR B 21 4.17 -21.72 16.47
C THR B 21 4.26 -21.17 17.89
N HIS B 22 3.60 -20.05 18.16
CA HIS B 22 3.80 -19.35 19.44
C HIS B 22 3.10 -19.97 20.64
N TYR B 23 2.02 -20.72 20.41
CA TYR B 23 1.29 -21.31 21.52
C TYR B 23 2.16 -22.27 22.32
N LYS B 24 3.21 -22.78 21.69
CA LYS B 24 4.16 -23.69 22.33
C LYS B 24 5.27 -22.96 23.09
N GLN B 25 5.35 -21.64 22.92
CA GLN B 25 6.53 -20.90 23.36
C GLN B 25 6.32 -20.09 24.62
N TYR B 26 5.07 -19.75 24.91
CA TYR B 26 4.74 -19.01 26.12
C TYR B 26 5.03 -19.84 27.37
N PRO B 27 5.22 -19.19 28.52
CA PRO B 27 5.46 -19.99 29.74
C PRO B 27 4.28 -20.92 30.00
N PRO B 28 4.57 -22.16 30.46
CA PRO B 28 3.50 -23.08 30.81
C PRO B 28 2.53 -22.46 31.80
N ASN B 29 1.25 -22.82 31.69
CA ASN B 29 0.21 -22.32 32.58
C ASN B 29 -0.01 -20.83 32.51
N THR B 30 0.17 -20.26 31.30
CA THR B 30 -0.19 -18.89 31.05
C THR B 30 -1.66 -18.82 30.68
N SER B 31 -2.42 -18.00 31.42
CA SER B 31 -3.86 -17.93 31.25
C SER B 31 -4.30 -16.61 30.61
N LYS B 32 -3.41 -15.63 30.63
CA LYS B 32 -3.73 -14.33 30.06
C LYS B 32 -2.55 -13.70 29.33
N VAL B 33 -2.81 -13.21 28.12
CA VAL B 33 -1.85 -12.37 27.40
C VAL B 33 -2.58 -11.07 27.04
N TYR B 34 -2.02 -9.96 27.49
CA TYR B 34 -2.62 -8.63 27.33
C TYR B 34 -1.67 -7.77 26.54
N SER B 35 -2.17 -7.14 25.48
CA SER B 35 -1.32 -6.38 24.58
C SER B 35 -1.95 -5.04 24.22
N TYR B 36 -1.15 -4.14 23.66
CA TYR B 36 -1.64 -2.80 23.37
C TYR B 36 -1.01 -2.25 22.10
N PHE B 37 -1.67 -1.26 21.51
CA PHE B 37 -1.20 -0.61 20.30
C PHE B 37 -0.96 0.86 20.61
N GLU B 38 0.17 1.38 20.15
CA GLU B 38 0.48 2.82 20.26
C GLU B 38 1.17 3.29 18.99
N CYS B 39 1.16 4.61 18.78
CA CYS B 39 2.03 5.22 17.78
C CYS B 39 3.22 5.77 18.56
N ARG B 40 4.26 4.96 18.62
CA ARG B 40 5.35 5.14 19.57
C ARG B 40 6.06 6.48 19.38
N GLU B 41 6.40 7.12 20.50
CA GLU B 41 7.09 8.40 20.46
C GLU B 41 8.51 8.17 19.95
N LYS B 42 9.05 9.17 19.25
CA LYS B 42 10.37 9.04 18.64
C LYS B 42 11.14 10.36 18.72
N LYS B 53 7.83 16.43 13.79
CA LYS B 53 6.73 16.12 12.87
C LYS B 53 5.79 15.08 13.47
N TYR B 54 4.51 15.19 13.10
CA TYR B 54 3.47 14.23 13.49
C TYR B 54 3.42 13.98 14.99
N GLU B 55 3.17 15.05 15.74
CA GLU B 55 3.13 14.96 17.19
C GLU B 55 1.82 14.38 17.70
N GLU B 56 0.79 14.38 16.86
CA GLU B 56 -0.51 13.85 17.25
C GLU B 56 -1.08 13.04 16.11
N THR B 57 -1.86 12.01 16.44
CA THR B 57 -2.38 11.11 15.42
C THR B 57 -3.90 11.04 15.49
N VAL B 58 -4.52 10.81 14.33
CA VAL B 58 -5.95 10.57 14.25
C VAL B 58 -6.20 9.08 14.34
N PHE B 59 -6.93 8.66 15.36
CA PHE B 59 -7.26 7.24 15.46
C PHE B 59 -8.47 6.89 14.60
N TYR B 60 -8.23 6.17 13.53
CA TYR B 60 -9.29 5.83 12.59
C TYR B 60 -8.99 4.49 11.93
N GLY B 61 -10.01 3.63 11.82
CA GLY B 61 -9.91 2.45 10.95
C GLY B 61 -10.14 1.11 11.64
N LEU B 62 -10.08 1.10 12.95
CA LEU B 62 -10.24 -0.16 13.69
C LEU B 62 -11.64 -0.74 13.47
N GLN B 63 -12.65 0.12 13.40
CA GLN B 63 -14.03 -0.34 13.25
C GLN B 63 -14.24 -1.13 11.96
N TYR B 64 -13.56 -0.72 10.90
CA TYR B 64 -13.56 -1.47 9.64
C TYR B 64 -13.04 -2.87 9.85
N ILE B 65 -11.88 -2.95 10.50
CA ILE B 65 -11.23 -4.24 10.74
C ILE B 65 -12.10 -5.16 11.61
N LEU B 66 -12.66 -4.62 12.69
CA LEU B 66 -13.49 -5.41 13.60
C LEU B 66 -14.70 -6.00 12.88
N ASN B 67 -15.36 -5.18 12.08
CA ASN B 67 -16.56 -5.65 11.38
C ASN B 67 -16.28 -6.57 10.20
N LYS B 68 -15.24 -6.26 9.42
CA LYS B 68 -15.01 -7.06 8.22
C LYS B 68 -14.37 -8.40 8.52
N TYR B 69 -13.51 -8.44 9.54
CA TYR B 69 -12.65 -9.59 9.74
C TYR B 69 -12.77 -10.32 11.08
N LEU B 70 -13.12 -9.61 12.15
CA LEU B 70 -13.06 -10.21 13.50
C LEU B 70 -14.39 -10.66 14.10
N LYS B 71 -15.49 -10.06 13.67
CA LYS B 71 -16.77 -10.30 14.37
C LYS B 71 -17.52 -11.53 13.84
N GLY B 72 -18.34 -12.11 14.72
CA GLY B 72 -19.20 -13.22 14.34
C GLY B 72 -18.48 -14.54 14.32
N LYS B 73 -19.07 -15.52 13.64
CA LYS B 73 -18.46 -16.84 13.53
C LYS B 73 -17.34 -16.78 12.50
N VAL B 74 -16.11 -16.68 12.97
CA VAL B 74 -14.97 -16.56 12.06
C VAL B 74 -14.18 -17.88 11.97
N VAL B 75 -14.59 -18.87 12.77
CA VAL B 75 -13.97 -20.19 12.73
C VAL B 75 -15.01 -21.21 12.29
N THR B 76 -14.64 -22.06 11.34
CA THR B 76 -15.48 -23.19 10.94
C THR B 76 -14.63 -24.44 10.83
N LYS B 77 -15.28 -25.60 10.77
CA LYS B 77 -14.58 -26.86 10.57
C LYS B 77 -13.76 -26.83 9.29
N GLU B 78 -14.36 -26.25 8.25
CA GLU B 78 -13.69 -26.18 6.95
C GLU B 78 -12.46 -25.28 6.99
N LYS B 79 -12.57 -24.17 7.71
CA LYS B 79 -11.44 -23.25 7.84
C LYS B 79 -10.30 -23.87 8.65
N ILE B 80 -10.64 -24.64 9.67
CA ILE B 80 -9.60 -25.30 10.45
C ILE B 80 -8.86 -26.32 9.58
N GLN B 81 -9.62 -27.11 8.82
CA GLN B 81 -9.01 -28.13 7.96
C GLN B 81 -8.14 -27.49 6.87
N GLU B 82 -8.62 -26.38 6.31
CA GLU B 82 -7.85 -25.65 5.29
C GLU B 82 -6.52 -25.16 5.86
N ALA B 83 -6.58 -24.55 7.04
CA ALA B 83 -5.38 -24.06 7.70
C ALA B 83 -4.41 -25.21 8.01
N LYS B 84 -4.96 -26.29 8.54
CA LYS B 84 -4.15 -27.46 8.87
C LYS B 84 -3.38 -27.96 7.64
N ASP B 85 -4.08 -28.05 6.52
CA ASP B 85 -3.47 -28.54 5.29
C ASP B 85 -2.39 -27.61 4.73
N VAL B 86 -2.66 -26.30 4.77
CA VAL B 86 -1.70 -25.31 4.28
C VAL B 86 -0.44 -25.29 5.14
N TYR B 87 -0.62 -25.23 6.46
CA TYR B 87 0.54 -25.12 7.36
C TYR B 87 1.39 -26.38 7.36
N LYS B 88 0.78 -27.53 7.16
CA LYS B 88 1.53 -28.78 7.04
C LYS B 88 2.58 -28.65 5.93
N GLU B 89 2.19 -28.07 4.80
CA GLU B 89 3.12 -27.91 3.68
C GLU B 89 4.05 -26.71 3.85
N HIS B 90 3.50 -25.61 4.37
CA HIS B 90 4.23 -24.36 4.56
C HIS B 90 5.40 -24.53 5.53
N PHE B 91 5.18 -25.30 6.59
CA PHE B 91 6.23 -25.56 7.57
C PHE B 91 6.96 -26.88 7.35
N GLN B 92 6.43 -27.70 6.45
CA GLN B 92 6.95 -29.05 6.23
C GLN B 92 6.93 -29.84 7.54
N ASP B 93 5.89 -29.61 8.33
CA ASP B 93 5.81 -30.17 9.66
C ASP B 93 4.44 -29.87 10.24
N ASP B 94 4.02 -30.71 11.19
CA ASP B 94 2.74 -30.53 11.87
C ASP B 94 2.93 -29.69 13.12
N VAL B 95 2.67 -28.39 13.02
CA VAL B 95 2.87 -27.51 14.17
C VAL B 95 1.59 -26.72 14.50
N PHE B 96 0.63 -26.77 13.59
CA PHE B 96 -0.61 -26.00 13.74
C PHE B 96 -1.50 -26.44 14.93
N ASN B 97 -1.97 -25.46 15.69
CA ASN B 97 -2.79 -25.71 16.90
C ASN B 97 -4.23 -26.04 16.57
N GLU B 98 -4.47 -27.22 15.99
CA GLU B 98 -5.82 -27.63 15.63
C GLU B 98 -6.72 -27.68 16.87
N LYS B 99 -6.19 -28.18 17.97
CA LYS B 99 -6.95 -28.31 19.20
C LYS B 99 -7.44 -26.96 19.73
N GLY B 100 -6.57 -25.96 19.71
CA GLY B 100 -6.92 -24.63 20.20
C GLY B 100 -8.04 -24.02 19.40
N TRP B 101 -7.97 -24.13 18.08
CA TRP B 101 -9.00 -23.58 17.21
C TRP B 101 -10.31 -24.36 17.31
N ASN B 102 -10.20 -25.68 17.45
CA ASN B 102 -11.38 -26.51 17.66
C ASN B 102 -12.14 -26.14 18.94
N TYR B 103 -11.39 -25.78 19.97
CA TYR B 103 -11.97 -25.34 21.23
C TYR B 103 -12.87 -24.11 21.01
N ILE B 104 -12.37 -23.14 20.26
CA ILE B 104 -13.13 -21.92 19.98
C ILE B 104 -14.38 -22.24 19.16
N LEU B 105 -14.23 -23.15 18.21
CA LEU B 105 -15.37 -23.58 17.41
C LEU B 105 -16.45 -24.24 18.27
N GLU B 106 -16.04 -25.15 19.14
CA GLU B 106 -16.98 -25.93 19.94
C GLU B 106 -17.57 -25.15 21.10
N LYS B 107 -16.76 -24.34 21.76
CA LYS B 107 -17.19 -23.65 22.97
C LYS B 107 -17.92 -22.35 22.68
N TYR B 108 -17.45 -21.60 21.68
CA TYR B 108 -17.99 -20.27 21.44
C TYR B 108 -18.66 -20.13 20.08
N ASP B 109 -18.98 -21.26 19.45
CA ASP B 109 -19.56 -21.28 18.11
C ASP B 109 -18.71 -20.44 17.15
N GLY B 110 -17.39 -20.58 17.27
CA GLY B 110 -16.47 -19.91 16.37
C GLY B 110 -16.30 -18.42 16.56
N HIS B 111 -16.85 -17.87 17.66
CA HIS B 111 -16.65 -16.45 17.99
C HIS B 111 -15.38 -16.28 18.83
N LEU B 112 -14.60 -15.23 18.55
CA LEU B 112 -13.32 -15.03 19.25
C LEU B 112 -13.46 -14.55 20.70
N PRO B 113 -12.98 -15.34 21.67
CA PRO B 113 -13.02 -14.90 23.07
C PRO B 113 -11.93 -13.88 23.35
N ILE B 114 -12.17 -12.67 22.87
CA ILE B 114 -11.23 -11.56 22.93
C ILE B 114 -11.99 -10.32 23.39
N GLU B 115 -11.34 -9.46 24.18
CA GLU B 115 -11.89 -8.16 24.50
C GLU B 115 -10.93 -7.06 24.03
N ILE B 116 -11.47 -6.10 23.28
CA ILE B 116 -10.66 -5.01 22.78
C ILE B 116 -11.25 -3.70 23.30
N LYS B 117 -10.40 -2.87 23.91
CA LYS B 117 -10.78 -1.52 24.35
C LYS B 117 -10.06 -0.51 23.49
N ALA B 118 -10.73 0.59 23.11
CA ALA B 118 -10.12 1.56 22.20
C ALA B 118 -10.55 3.00 22.46
N VAL B 119 -9.70 3.94 22.05
CA VAL B 119 -10.08 5.35 22.03
C VAL B 119 -11.10 5.55 20.93
N PRO B 120 -12.01 6.52 21.09
CA PRO B 120 -13.04 6.75 20.06
C PRO B 120 -12.42 7.09 18.70
N GLU B 121 -13.03 6.58 17.64
CA GLU B 121 -12.55 6.86 16.30
C GLU B 121 -12.66 8.35 15.98
N GLY B 122 -11.63 8.88 15.33
CA GLY B 122 -11.57 10.28 15.02
C GLY B 122 -10.83 11.08 16.08
N PHE B 123 -10.61 10.48 17.25
CA PHE B 123 -9.89 11.18 18.32
C PHE B 123 -8.47 11.51 17.89
N VAL B 124 -8.04 12.70 18.27
CA VAL B 124 -6.69 13.17 17.98
C VAL B 124 -5.87 13.09 19.26
N ILE B 125 -4.86 12.21 19.25
CA ILE B 125 -4.13 11.83 20.46
C ILE B 125 -2.64 12.01 20.22
N PRO B 126 -1.93 12.61 21.19
CA PRO B 126 -0.47 12.73 21.07
C PRO B 126 0.24 11.39 20.99
N ARG B 127 1.38 11.37 20.28
CA ARG B 127 2.20 10.16 20.17
C ARG B 127 2.53 9.57 21.54
N GLY B 128 2.66 8.25 21.59
CA GLY B 128 3.12 7.56 22.78
C GLY B 128 2.02 7.25 23.76
N ASN B 129 0.77 7.32 23.31
CA ASN B 129 -0.35 6.94 24.17
C ASN B 129 -1.00 5.62 23.74
N VAL B 130 -1.55 4.87 24.69
CA VAL B 130 -2.29 3.67 24.36
C VAL B 130 -3.52 4.07 23.52
N LEU B 131 -3.69 3.39 22.38
CA LEU B 131 -4.83 3.65 21.50
C LEU B 131 -5.85 2.53 21.56
N PHE B 132 -5.36 1.30 21.65
CA PHE B 132 -6.24 0.18 21.96
C PHE B 132 -5.50 -0.94 22.68
N THR B 133 -6.26 -1.76 23.40
CA THR B 133 -5.71 -2.93 24.10
C THR B 133 -6.49 -4.17 23.71
N VAL B 134 -5.82 -5.32 23.82
CA VAL B 134 -6.40 -6.59 23.43
C VAL B 134 -6.05 -7.61 24.51
N GLU B 135 -7.02 -8.42 24.92
CA GLU B 135 -6.75 -9.54 25.81
C GLU B 135 -7.76 -10.68 25.62
N ASN B 136 -7.33 -11.89 25.95
CA ASN B 136 -8.21 -13.05 25.87
C ASN B 136 -9.17 -13.10 27.05
N THR B 137 -10.38 -13.61 26.81
CA THR B 137 -11.40 -13.70 27.85
C THR B 137 -11.56 -15.13 28.37
N ASP B 138 -10.85 -16.08 27.75
CA ASP B 138 -10.86 -17.48 28.18
C ASP B 138 -9.40 -17.89 28.36
N PRO B 139 -9.07 -18.46 29.52
CA PRO B 139 -7.68 -18.86 29.80
C PRO B 139 -7.09 -19.85 28.79
N GLU B 140 -7.94 -20.65 28.16
CA GLU B 140 -7.47 -21.59 27.13
C GLU B 140 -6.96 -20.86 25.90
N CYS B 141 -7.38 -19.60 25.75
CA CYS B 141 -7.07 -18.87 24.53
C CYS B 141 -6.01 -17.79 24.70
N TYR B 142 -5.08 -18.03 25.62
CA TYR B 142 -3.96 -17.11 25.87
C TYR B 142 -3.18 -16.77 24.59
N TRP B 143 -3.17 -17.72 23.65
CA TRP B 143 -2.39 -17.60 22.42
C TRP B 143 -3.10 -16.73 21.38
N LEU B 144 -4.37 -16.44 21.59
CA LEU B 144 -5.19 -15.78 20.58
C LEU B 144 -4.90 -14.27 20.51
N THR B 145 -4.56 -13.68 21.64
CA THR B 145 -4.30 -12.24 21.72
C THR B 145 -3.31 -11.79 20.65
N ASN B 146 -2.17 -12.46 20.58
CA ASN B 146 -1.16 -12.05 19.61
C ASN B 146 -1.28 -12.70 18.22
N TRP B 147 -2.13 -13.72 18.10
CA TRP B 147 -2.44 -14.27 16.79
C TRP B 147 -2.99 -13.16 15.90
N ILE B 148 -3.86 -12.33 16.47
CA ILE B 148 -4.51 -11.28 15.69
C ILE B 148 -3.73 -9.97 15.65
N GLU B 149 -2.49 -9.98 16.13
CA GLU B 149 -1.64 -8.80 16.03
C GLU B 149 -1.53 -8.32 14.58
N THR B 150 -1.23 -9.24 13.68
CA THR B 150 -0.92 -8.88 12.29
C THR B 150 -2.09 -8.12 11.65
N ILE B 151 -3.29 -8.64 11.83
CA ILE B 151 -4.45 -7.99 11.22
C ILE B 151 -4.80 -6.65 11.89
N LEU B 152 -4.64 -6.57 13.21
CA LEU B 152 -4.94 -5.32 13.92
C LEU B 152 -3.92 -4.22 13.64
N VAL B 153 -2.65 -4.61 13.47
CA VAL B 153 -1.57 -3.65 13.23
C VAL B 153 -1.76 -2.91 11.89
N GLN B 154 -2.48 -3.53 10.97
CA GLN B 154 -2.77 -2.89 9.68
C GLN B 154 -3.62 -1.62 9.84
N SER B 155 -4.17 -1.41 11.04
CA SER B 155 -4.82 -0.14 11.35
C SER B 155 -3.83 1.03 11.20
N TRP B 156 -2.52 0.74 11.19
CA TRP B 156 -1.51 1.78 10.97
C TRP B 156 -1.86 2.59 9.72
N TYR B 157 -2.38 1.92 8.71
CA TYR B 157 -2.58 2.55 7.41
C TYR B 157 -3.66 3.65 7.44
N PRO B 158 -4.90 3.32 7.84
CA PRO B 158 -5.89 4.40 7.93
C PRO B 158 -5.51 5.48 8.95
N ILE B 159 -4.87 5.09 10.05
CA ILE B 159 -4.38 6.07 11.01
C ILE B 159 -3.42 7.05 10.36
N THR B 160 -2.47 6.50 9.59
CA THR B 160 -1.43 7.32 8.99
C THR B 160 -1.95 8.21 7.84
N VAL B 161 -2.81 7.66 6.99
CA VAL B 161 -3.44 8.48 5.94
C VAL B 161 -4.25 9.62 6.57
N ALA B 162 -5.07 9.29 7.55
CA ALA B 162 -5.93 10.31 8.19
C ALA B 162 -5.09 11.40 8.84
N THR B 163 -4.01 10.98 9.50
CA THR B 163 -3.12 11.91 10.21
C THR B 163 -2.39 12.82 9.23
N ASN B 164 -1.80 12.22 8.19
CA ASN B 164 -1.05 12.99 7.20
C ASN B 164 -1.97 13.92 6.41
N SER B 165 -3.19 13.46 6.13
CA SER B 165 -4.19 14.28 5.47
C SER B 165 -4.53 15.48 6.36
N ARG B 166 -4.69 15.22 7.64
CA ARG B 166 -5.05 16.30 8.59
C ARG B 166 -3.91 17.33 8.73
N GLU B 167 -2.65 16.87 8.72
CA GLU B 167 -1.51 17.78 8.78
C GLU B 167 -1.49 18.69 7.56
N GLN B 168 -1.87 18.15 6.40
CA GLN B 168 -1.96 19.00 5.22
C GLN B 168 -3.09 20.01 5.35
N LYS B 169 -4.17 19.61 6.00
CA LYS B 169 -5.29 20.51 6.23
C LYS B 169 -4.87 21.69 7.11
N LYS B 170 -4.00 21.43 8.08
CA LYS B 170 -3.48 22.50 8.94
C LYS B 170 -2.70 23.53 8.14
N ILE B 171 -1.87 23.04 7.22
CA ILE B 171 -1.10 23.93 6.35
C ILE B 171 -2.02 24.78 5.50
N LEU B 172 -2.99 24.13 4.86
CA LEU B 172 -3.95 24.84 4.03
C LEU B 172 -4.75 25.86 4.84
N ALA B 173 -5.15 25.49 6.06
CA ALA B 173 -5.93 26.39 6.89
C ALA B 173 -5.13 27.65 7.21
N LYS B 174 -3.87 27.47 7.59
CA LYS B 174 -3.02 28.59 7.97
C LYS B 174 -2.92 29.59 6.81
N TYR B 175 -2.64 29.08 5.61
CA TYR B 175 -2.42 29.94 4.46
C TYR B 175 -3.69 30.51 3.85
N LEU B 176 -4.78 29.74 3.89
CA LEU B 176 -6.05 30.26 3.43
C LEU B 176 -6.52 31.39 4.36
N LEU B 177 -6.34 31.19 5.66
CA LEU B 177 -6.77 32.19 6.62
C LEU B 177 -5.94 33.47 6.45
N GLU B 178 -4.64 33.29 6.27
CA GLU B 178 -3.74 34.42 6.15
C GLU B 178 -4.00 35.23 4.87
N THR B 179 -4.25 34.54 3.75
CA THR B 179 -4.38 35.25 2.48
C THR B 179 -5.80 35.67 2.13
N SER B 180 -6.79 35.14 2.86
CA SER B 180 -8.20 35.43 2.52
C SER B 180 -9.02 35.91 3.71
N GLY B 181 -8.60 35.59 4.93
CA GLY B 181 -9.30 36.04 6.11
C GLY B 181 -10.36 35.10 6.63
N ASN B 182 -10.55 33.98 5.95
CA ASN B 182 -11.52 32.97 6.39
C ASN B 182 -11.11 31.59 5.92
N LEU B 183 -11.92 30.60 6.27
CA LEU B 183 -11.63 29.20 5.91
C LEU B 183 -12.68 28.62 4.97
N ASP B 184 -13.40 29.48 4.27
CA ASP B 184 -14.43 29.01 3.34
C ASP B 184 -13.85 28.05 2.29
N GLY B 185 -14.46 26.89 2.17
CA GLY B 185 -14.06 25.93 1.16
C GLY B 185 -12.83 25.12 1.51
N LEU B 186 -12.34 25.24 2.74
CA LEU B 186 -11.14 24.52 3.16
C LEU B 186 -11.27 23.02 2.89
N GLU B 187 -12.45 22.48 3.14
CA GLU B 187 -12.68 21.04 3.07
C GLU B 187 -12.65 20.51 1.63
N TYR B 188 -12.48 21.40 0.67
CA TYR B 188 -12.35 20.99 -0.73
C TYR B 188 -10.97 21.31 -1.32
N LYS B 189 -10.02 21.68 -0.48
CA LYS B 189 -8.73 22.18 -0.99
C LYS B 189 -7.70 21.10 -1.29
N LEU B 190 -7.94 19.88 -0.80
CA LEU B 190 -7.05 18.74 -1.09
C LEU B 190 -7.88 17.56 -1.59
N HIS B 191 -7.75 17.28 -2.88
CA HIS B 191 -8.56 16.28 -3.55
C HIS B 191 -7.77 14.98 -3.73
N ASP B 192 -8.42 13.86 -3.45
CA ASP B 192 -7.81 12.53 -3.57
C ASP B 192 -7.76 12.07 -5.04
N PHE B 193 -6.54 11.95 -5.57
CA PHE B 193 -6.30 11.44 -6.92
C PHE B 193 -5.62 10.06 -6.89
N GLY B 194 -5.68 9.37 -5.75
CA GLY B 194 -4.79 8.25 -5.53
C GLY B 194 -5.19 6.85 -5.94
N TYR B 195 -6.35 6.70 -6.60
CA TYR B 195 -6.90 5.37 -6.89
C TYR B 195 -5.90 4.48 -7.64
N ARG B 196 -5.32 5.00 -8.72
CA ARG B 196 -4.43 4.20 -9.56
C ARG B 196 -3.08 3.94 -8.89
N GLY B 197 -2.72 4.80 -7.93
CA GLY B 197 -1.39 4.78 -7.36
C GLY B 197 -1.24 4.00 -6.06
N VAL B 198 -2.32 3.38 -5.60
CA VAL B 198 -2.21 2.49 -4.44
C VAL B 198 -2.01 1.04 -4.86
N SER B 199 -1.77 0.20 -3.87
CA SER B 199 -1.33 -1.18 -4.11
C SER B 199 -2.47 -2.18 -4.37
N SER B 200 -3.71 -1.81 -4.06
CA SER B 200 -4.84 -2.71 -4.25
C SER B 200 -6.18 -1.98 -4.16
N GLN B 201 -7.23 -2.66 -4.62
CA GLN B 201 -8.59 -2.15 -4.49
C GLN B 201 -8.96 -1.95 -3.02
N GLU B 202 -8.60 -2.91 -2.17
CA GLU B 202 -8.95 -2.79 -0.77
C GLU B 202 -8.26 -1.58 -0.13
N THR B 203 -6.97 -1.44 -0.39
CA THR B 203 -6.22 -0.28 0.08
C THR B 203 -6.85 1.04 -0.40
N ALA B 204 -7.28 1.07 -1.65
CA ALA B 204 -7.90 2.29 -2.20
C ALA B 204 -9.11 2.73 -1.37
N GLY B 205 -9.98 1.78 -1.04
CA GLY B 205 -11.16 2.08 -0.24
C GLY B 205 -10.79 2.56 1.15
N ILE B 206 -9.88 1.86 1.80
CA ILE B 206 -9.46 2.21 3.16
C ILE B 206 -8.81 3.59 3.18
N GLY B 207 -7.86 3.81 2.27
CA GLY B 207 -7.11 5.06 2.23
C GLY B 207 -7.99 6.25 1.88
N ALA B 208 -8.84 6.09 0.88
CA ALA B 208 -9.76 7.15 0.51
C ALA B 208 -10.67 7.51 1.68
N SER B 209 -11.13 6.50 2.42
CA SER B 209 -12.04 6.79 3.53
C SER B 209 -11.32 7.61 4.59
N ALA B 210 -10.03 7.33 4.78
CA ALA B 210 -9.24 8.03 5.79
C ALA B 210 -9.03 9.49 5.42
N HIS B 211 -8.82 9.75 4.14
CA HIS B 211 -8.70 11.12 3.66
C HIS B 211 -9.99 11.89 3.88
N LEU B 212 -11.12 11.21 3.71
CA LEU B 212 -12.44 11.85 3.84
C LEU B 212 -12.80 12.19 5.29
N VAL B 213 -12.00 11.72 6.24
CA VAL B 213 -12.13 12.18 7.62
C VAL B 213 -11.90 13.69 7.68
N ASN B 214 -11.05 14.20 6.80
CA ASN B 214 -10.63 15.59 6.83
C ASN B 214 -11.17 16.45 5.68
N PHE B 215 -11.43 15.84 4.54
CA PHE B 215 -11.83 16.57 3.33
C PHE B 215 -13.06 15.93 2.70
N LYS B 216 -13.68 16.61 1.73
CA LYS B 216 -14.87 16.09 1.08
C LYS B 216 -14.67 15.77 -0.40
N GLY B 217 -13.47 16.03 -0.92
CA GLY B 217 -13.22 15.83 -2.34
C GLY B 217 -12.43 14.57 -2.64
N THR B 218 -13.00 13.70 -3.46
CA THR B 218 -12.30 12.47 -3.83
C THR B 218 -12.69 11.95 -5.20
N ASP B 219 -11.72 11.38 -5.91
CA ASP B 219 -11.99 10.63 -7.14
C ASP B 219 -11.81 9.13 -6.89
N THR B 220 -11.43 8.76 -5.67
CA THR B 220 -11.28 7.35 -5.34
C THR B 220 -12.62 6.79 -4.84
N VAL B 221 -13.45 6.38 -5.79
CA VAL B 221 -14.85 5.99 -5.57
C VAL B 221 -15.00 4.90 -4.51
N ALA B 222 -14.02 4.01 -4.44
CA ALA B 222 -14.01 2.90 -3.48
C ALA B 222 -14.25 3.35 -2.04
N GLY B 223 -13.83 4.57 -1.71
CA GLY B 223 -13.98 5.09 -0.37
C GLY B 223 -15.44 5.24 0.06
N LEU B 224 -16.30 5.59 -0.91
CA LEU B 224 -17.70 5.86 -0.62
C LEU B 224 -18.42 4.63 -0.04
N ALA B 225 -18.26 3.48 -0.70
CA ALA B 225 -18.97 2.27 -0.31
C ALA B 225 -18.48 1.73 1.03
N LEU B 226 -17.18 1.88 1.28
CA LEU B 226 -16.61 1.46 2.56
C LEU B 226 -17.25 2.27 3.69
N ILE B 227 -17.30 3.59 3.54
CA ILE B 227 -17.90 4.44 4.56
C ILE B 227 -19.37 4.10 4.78
N LYS B 228 -20.12 3.94 3.69
CA LYS B 228 -21.53 3.58 3.77
C LYS B 228 -21.77 2.27 4.52
N LYS B 229 -20.91 1.28 4.28
CA LYS B 229 -21.10 -0.04 4.88
C LYS B 229 -20.68 -0.13 6.35
N TYR B 230 -19.57 0.52 6.70
CA TYR B 230 -18.94 0.30 8.00
C TYR B 230 -19.10 1.44 9.01
N TYR B 231 -19.42 2.64 8.52
CA TYR B 231 -19.46 3.82 9.39
C TYR B 231 -20.78 4.58 9.29
N GLY B 232 -21.12 5.03 8.08
CA GLY B 232 -22.39 5.71 7.83
C GLY B 232 -22.35 7.22 7.98
N THR B 233 -23.12 7.90 7.13
CA THR B 233 -23.25 9.34 7.21
C THR B 233 -24.69 9.77 6.99
N LYS B 234 -25.05 10.93 7.53
CA LYS B 234 -26.40 11.47 7.33
C LYS B 234 -26.64 11.80 5.87
N ASP B 235 -25.63 12.38 5.23
CA ASP B 235 -25.72 12.71 3.81
C ASP B 235 -25.66 11.44 2.95
N PRO B 236 -26.23 11.49 1.74
CA PRO B 236 -26.17 10.32 0.85
C PRO B 236 -24.74 9.82 0.60
N VAL B 237 -23.79 10.74 0.35
CA VAL B 237 -22.39 10.36 0.19
C VAL B 237 -21.44 11.24 1.01
N PRO B 238 -20.28 10.69 1.39
CA PRO B 238 -19.32 11.45 2.20
C PRO B 238 -18.36 12.30 1.36
N GLY B 239 -18.29 12.01 0.07
CA GLY B 239 -17.31 12.66 -0.79
C GLY B 239 -17.83 12.97 -2.17
N TYR B 240 -17.24 13.97 -2.81
CA TYR B 240 -17.77 14.51 -4.06
C TYR B 240 -16.68 14.73 -5.10
N SER B 241 -17.08 14.80 -6.36
CA SER B 241 -16.14 15.08 -7.43
C SER B 241 -16.75 16.05 -8.43
N VAL B 242 -15.96 16.42 -9.44
CA VAL B 242 -16.44 17.26 -10.53
C VAL B 242 -15.94 16.70 -11.87
N PRO B 243 -16.66 17.00 -12.96
CA PRO B 243 -16.21 16.58 -14.29
C PRO B 243 -14.81 17.11 -14.57
N ALA B 244 -14.02 16.32 -15.29
CA ALA B 244 -12.65 16.71 -15.58
C ALA B 244 -12.11 15.90 -16.74
N ALA B 245 -11.23 16.51 -17.52
CA ALA B 245 -10.58 15.82 -18.62
C ALA B 245 -9.37 15.03 -18.13
N GLU B 246 -8.94 14.06 -18.93
CA GLU B 246 -7.62 13.46 -18.75
C GLU B 246 -6.86 13.73 -20.05
N HIS B 247 -5.57 13.44 -20.08
CA HIS B 247 -4.80 13.71 -21.29
C HIS B 247 -5.41 13.03 -22.52
N SER B 248 -5.96 11.83 -22.35
CA SER B 248 -6.50 11.09 -23.49
C SER B 248 -7.69 11.78 -24.15
N THR B 249 -8.51 12.48 -23.36
CA THR B 249 -9.65 13.17 -23.96
C THR B 249 -9.23 14.48 -24.62
N ILE B 250 -8.00 14.90 -24.40
CA ILE B 250 -7.42 16.04 -25.13
C ILE B 250 -6.62 15.55 -26.34
N THR B 251 -5.68 14.63 -26.10
CA THR B 251 -4.76 14.22 -27.15
C THR B 251 -5.45 13.46 -28.28
N ALA B 252 -6.59 12.84 -27.98
CA ALA B 252 -7.33 12.05 -28.97
C ALA B 252 -7.76 12.90 -30.16
N TRP B 253 -7.86 14.20 -29.95
CA TRP B 253 -8.30 15.14 -30.97
C TRP B 253 -7.18 15.42 -31.97
N GLY B 254 -5.96 15.04 -31.61
CA GLY B 254 -4.80 15.32 -32.44
C GLY B 254 -4.09 16.58 -31.97
N LYS B 255 -2.77 16.60 -32.16
CA LYS B 255 -1.93 17.70 -31.69
C LYS B 255 -2.40 19.09 -32.15
N ASP B 256 -2.85 19.19 -33.40
CA ASP B 256 -3.22 20.48 -33.96
C ASP B 256 -4.62 20.94 -33.53
N HIS B 257 -5.30 20.12 -32.74
CA HIS B 257 -6.68 20.40 -32.37
C HIS B 257 -6.93 20.48 -30.86
N GLU B 258 -5.90 20.89 -30.12
CA GLU B 258 -6.04 21.06 -28.68
C GLU B 258 -7.14 22.09 -28.35
N LYS B 259 -7.21 23.15 -29.14
CA LYS B 259 -8.25 24.16 -28.95
C LYS B 259 -9.65 23.58 -29.15
N ASP B 260 -9.81 22.73 -30.17
CA ASP B 260 -11.10 22.11 -30.43
C ASP B 260 -11.53 21.22 -29.27
N ALA B 261 -10.58 20.49 -28.71
CA ALA B 261 -10.85 19.65 -27.54
C ALA B 261 -11.34 20.48 -26.38
N PHE B 262 -10.60 21.55 -26.06
CA PHE B 262 -10.93 22.45 -24.96
C PHE B 262 -12.33 23.01 -25.13
N GLU B 263 -12.62 23.49 -26.35
CA GLU B 263 -13.93 24.10 -26.64
C GLU B 263 -15.06 23.09 -26.46
N HIS B 264 -14.88 21.88 -26.98
CA HIS B 264 -15.88 20.83 -26.86
C HIS B 264 -16.15 20.51 -25.39
N ILE B 265 -15.08 20.35 -24.63
CA ILE B 265 -15.21 19.94 -23.23
C ILE B 265 -15.92 21.00 -22.35
N VAL B 266 -15.51 22.26 -22.46
CA VAL B 266 -16.15 23.30 -21.64
C VAL B 266 -17.59 23.57 -22.07
N THR B 267 -17.90 23.29 -23.34
CA THR B 267 -19.27 23.44 -23.83
C THR B 267 -20.17 22.29 -23.36
N GLN B 268 -19.62 21.08 -23.33
CA GLN B 268 -20.35 19.93 -22.78
C GLN B 268 -20.68 20.12 -21.30
N PHE B 269 -19.76 20.78 -20.60
CA PHE B 269 -19.91 20.99 -19.16
C PHE B 269 -19.92 22.48 -18.88
N SER B 270 -20.93 23.16 -19.43
CA SER B 270 -21.00 24.62 -19.37
C SER B 270 -21.64 25.14 -18.09
N SER B 271 -22.35 24.27 -17.38
CA SER B 271 -23.14 24.71 -16.23
C SER B 271 -22.75 24.05 -14.92
N VAL B 272 -21.63 23.34 -14.94
CA VAL B 272 -21.08 22.69 -13.75
C VAL B 272 -19.58 22.99 -13.78
N PRO B 273 -18.89 22.85 -12.64
CA PRO B 273 -17.45 23.09 -12.68
C PRO B 273 -16.80 22.06 -13.58
N VAL B 274 -15.71 22.43 -14.25
CA VAL B 274 -15.00 21.46 -15.06
C VAL B 274 -13.50 21.72 -15.01
N SER B 275 -12.74 20.65 -14.78
CA SER B 275 -11.29 20.74 -14.77
C SER B 275 -10.74 20.27 -16.10
N VAL B 276 -9.82 21.04 -16.67
CA VAL B 276 -9.26 20.68 -17.98
C VAL B 276 -7.73 20.71 -17.93
N VAL B 277 -7.13 19.54 -18.08
CA VAL B 277 -5.69 19.40 -18.07
C VAL B 277 -5.13 20.11 -19.31
N SER B 278 -4.15 20.97 -19.09
CA SER B 278 -3.75 21.93 -20.11
C SER B 278 -2.28 21.83 -20.51
N ASP B 279 -1.59 20.78 -20.08
CA ASP B 279 -0.15 20.68 -20.31
C ASP B 279 0.24 19.60 -21.32
N SER B 280 -0.72 19.10 -22.10
CA SER B 280 -0.45 18.02 -23.05
C SER B 280 0.74 18.30 -23.96
N TYR B 281 0.87 19.57 -24.38
CA TYR B 281 1.94 19.98 -25.27
C TYR B 281 2.72 21.20 -24.75
N ASP B 282 2.00 22.21 -24.31
CA ASP B 282 2.62 23.44 -23.83
C ASP B 282 1.64 24.18 -22.92
N ILE B 283 1.80 23.97 -21.62
CA ILE B 283 0.91 24.57 -20.61
C ILE B 283 0.84 26.10 -20.73
N TYR B 284 1.97 26.72 -21.04
CA TYR B 284 2.04 28.18 -21.06
C TYR B 284 1.31 28.75 -22.27
N ASN B 285 1.48 28.09 -23.42
CA ASN B 285 0.72 28.43 -24.61
C ASN B 285 -0.77 28.20 -24.41
N ALA B 286 -1.12 27.10 -23.75
CA ALA B 286 -2.53 26.81 -23.51
C ALA B 286 -3.19 27.90 -22.67
N CYS B 287 -2.51 28.33 -21.61
CA CYS B 287 -3.04 29.36 -20.74
C CYS B 287 -3.09 30.74 -21.39
N GLU B 288 -2.01 31.12 -22.07
CA GLU B 288 -1.95 32.46 -22.62
C GLU B 288 -2.73 32.64 -23.93
N LYS B 289 -2.60 31.68 -24.83
CA LYS B 289 -3.19 31.82 -26.17
C LYS B 289 -4.52 31.09 -26.35
N ILE B 290 -4.63 29.87 -25.84
CA ILE B 290 -5.88 29.14 -26.03
C ILE B 290 -6.96 29.62 -25.05
N TRP B 291 -6.73 29.41 -23.75
CA TRP B 291 -7.67 29.92 -22.76
C TRP B 291 -7.71 31.45 -22.75
N GLY B 292 -6.53 32.07 -22.85
CA GLY B 292 -6.40 33.50 -22.64
C GLY B 292 -6.85 34.37 -23.80
N GLU B 293 -6.95 33.76 -24.99
CA GLU B 293 -7.30 34.53 -26.18
C GLU B 293 -8.40 33.84 -26.99
N ASP B 294 -8.07 32.70 -27.60
CA ASP B 294 -8.99 32.01 -28.51
C ASP B 294 -10.33 31.63 -27.89
N LEU B 295 -10.29 31.17 -26.64
CA LEU B 295 -11.49 30.67 -25.99
C LEU B 295 -11.92 31.52 -24.79
N ARG B 296 -11.31 32.69 -24.65
CA ARG B 296 -11.58 33.55 -23.51
C ARG B 296 -13.08 33.85 -23.34
N HIS B 297 -13.76 34.03 -24.47
CA HIS B 297 -15.20 34.33 -24.46
C HIS B 297 -16.05 33.23 -23.82
N LEU B 298 -15.52 32.01 -23.84
CA LEU B 298 -16.24 30.87 -23.27
C LEU B 298 -15.96 30.72 -21.78
N ILE B 299 -14.94 31.42 -21.29
CA ILE B 299 -14.57 31.34 -19.89
C ILE B 299 -15.25 32.45 -19.08
N VAL B 300 -15.17 33.67 -19.59
CA VAL B 300 -15.68 34.83 -18.84
C VAL B 300 -17.20 34.86 -18.74
N SER B 301 -17.85 33.99 -19.50
CA SER B 301 -19.30 33.88 -19.51
C SER B 301 -19.82 32.85 -18.51
N ARG B 302 -18.92 32.14 -17.84
CA ARG B 302 -19.31 31.08 -16.90
C ARG B 302 -19.76 31.60 -15.53
N SER B 303 -20.61 30.82 -14.87
CA SER B 303 -21.11 31.13 -13.54
C SER B 303 -20.06 30.89 -12.47
N THR B 304 -20.16 31.56 -11.32
CA THR B 304 -19.20 31.33 -10.25
C THR B 304 -19.43 29.95 -9.64
N GLN B 305 -20.61 29.38 -9.85
CA GLN B 305 -20.90 28.02 -9.41
C GLN B 305 -20.39 26.98 -10.42
N ALA B 306 -19.89 27.45 -11.56
CA ALA B 306 -19.40 26.55 -12.62
C ALA B 306 -18.09 27.01 -13.23
N PRO B 307 -17.04 27.18 -12.41
CA PRO B 307 -15.80 27.72 -12.95
C PRO B 307 -15.08 26.72 -13.85
N LEU B 308 -14.26 27.24 -14.75
CA LEU B 308 -13.22 26.44 -15.38
C LEU B 308 -12.08 26.32 -14.38
N ILE B 309 -11.61 25.09 -14.17
CA ILE B 309 -10.41 24.88 -13.36
C ILE B 309 -9.30 24.38 -14.27
N ILE B 310 -8.27 25.20 -14.44
CA ILE B 310 -7.12 24.84 -15.26
C ILE B 310 -6.18 23.94 -14.46
N ARG B 311 -5.77 22.84 -15.08
CA ARG B 311 -4.94 21.86 -14.40
C ARG B 311 -3.60 21.68 -15.11
N PRO B 312 -2.54 22.30 -14.55
CA PRO B 312 -1.20 21.91 -15.00
C PRO B 312 -0.88 20.54 -14.43
N ASP B 313 0.11 19.83 -15.00
CA ASP B 313 0.39 18.47 -14.56
C ASP B 313 1.86 18.07 -14.76
N SER B 314 2.74 19.06 -14.92
CA SER B 314 4.15 18.76 -15.13
C SER B 314 5.03 19.98 -14.86
N GLY B 315 6.33 19.76 -14.73
CA GLY B 315 7.25 20.82 -14.41
C GLY B 315 7.40 20.97 -12.91
N ASN B 316 8.29 21.87 -12.49
CA ASN B 316 8.45 22.15 -11.06
C ASN B 316 7.13 22.70 -10.52
N PRO B 317 6.55 22.03 -9.52
CA PRO B 317 5.23 22.42 -9.02
C PRO B 317 5.09 23.90 -8.66
N LEU B 318 5.99 24.45 -7.85
CA LEU B 318 5.88 25.86 -7.49
C LEU B 318 6.08 26.77 -8.69
N ASP B 319 7.15 26.55 -9.45
CA ASP B 319 7.46 27.40 -10.60
C ASP B 319 6.31 27.40 -11.61
N THR B 320 5.71 26.24 -11.81
CA THR B 320 4.62 26.10 -12.77
C THR B 320 3.36 26.83 -12.30
N VAL B 321 2.96 26.60 -11.06
CA VAL B 321 1.84 27.33 -10.48
C VAL B 321 2.01 28.85 -10.58
N LEU B 322 3.19 29.35 -10.20
CA LEU B 322 3.42 30.80 -10.24
C LEU B 322 3.34 31.37 -11.65
N LYS B 323 3.89 30.64 -12.62
CA LYS B 323 3.89 31.12 -14.00
C LYS B 323 2.49 31.06 -14.60
N VAL B 324 1.76 30.00 -14.29
CA VAL B 324 0.36 29.88 -14.73
C VAL B 324 -0.48 31.03 -14.18
N LEU B 325 -0.35 31.30 -12.88
CA LEU B 325 -1.08 32.40 -12.26
C LEU B 325 -0.70 33.75 -12.90
N GLU B 326 0.61 33.93 -13.14
CA GLU B 326 1.14 35.14 -13.76
C GLU B 326 0.50 35.36 -15.14
N ILE B 327 0.43 34.29 -15.92
CA ILE B 327 -0.15 34.35 -17.25
C ILE B 327 -1.64 34.70 -17.18
N LEU B 328 -2.37 33.99 -16.34
CA LEU B 328 -3.81 34.18 -16.24
C LEU B 328 -4.14 35.57 -15.71
N GLY B 329 -3.29 36.05 -14.81
CA GLY B 329 -3.47 37.37 -14.23
C GLY B 329 -3.35 38.50 -15.24
N LYS B 330 -2.70 38.24 -16.36
CA LYS B 330 -2.55 39.28 -17.38
C LYS B 330 -3.61 39.14 -18.48
N LYS B 331 -4.28 38.00 -18.50
CA LYS B 331 -5.33 37.75 -19.50
C LYS B 331 -6.74 37.90 -18.94
N PHE B 332 -6.89 37.82 -17.63
CA PHE B 332 -8.20 37.87 -17.00
C PHE B 332 -8.22 38.96 -15.92
N PRO B 333 -9.41 39.50 -15.62
CA PRO B 333 -9.45 40.58 -14.62
C PRO B 333 -9.17 40.07 -13.21
N VAL B 334 -8.07 40.52 -12.63
CA VAL B 334 -7.70 40.14 -11.28
C VAL B 334 -8.14 41.23 -10.31
N THR B 335 -8.63 40.82 -9.14
CA THR B 335 -8.97 41.77 -8.09
C THR B 335 -7.99 41.62 -6.92
N GLU B 336 -8.12 42.51 -5.95
CA GLU B 336 -7.33 42.41 -4.73
C GLU B 336 -8.30 42.25 -3.58
N ASN B 337 -8.18 41.17 -2.83
CA ASN B 337 -9.11 40.92 -1.74
C ASN B 337 -8.80 41.81 -0.53
N SER B 338 -9.61 41.68 0.53
CA SER B 338 -9.48 42.57 1.67
C SER B 338 -8.17 42.40 2.44
N LYS B 339 -7.45 41.32 2.19
CA LYS B 339 -6.16 41.07 2.85
C LYS B 339 -4.99 41.56 2.00
N GLY B 340 -5.29 42.05 0.81
CA GLY B 340 -4.25 42.57 -0.08
C GLY B 340 -3.67 41.56 -1.05
N TYR B 341 -4.33 40.40 -1.18
CA TYR B 341 -3.86 39.34 -2.06
C TYR B 341 -4.64 39.27 -3.37
N LYS B 342 -3.95 38.87 -4.43
CA LYS B 342 -4.52 38.81 -5.77
C LYS B 342 -5.48 37.63 -5.92
N LEU B 343 -6.58 37.88 -6.63
CA LEU B 343 -7.64 36.89 -6.76
C LEU B 343 -8.17 36.85 -8.20
N LEU B 344 -8.12 35.68 -8.81
CA LEU B 344 -8.70 35.47 -10.14
C LEU B 344 -10.21 35.69 -10.09
N PRO B 345 -10.84 35.96 -11.24
CA PRO B 345 -12.30 36.09 -11.25
C PRO B 345 -12.93 34.75 -10.85
N PRO B 346 -14.17 34.80 -10.32
CA PRO B 346 -14.78 33.60 -9.74
C PRO B 346 -15.05 32.47 -10.73
N TYR B 347 -14.97 32.74 -12.03
CA TYR B 347 -15.21 31.69 -13.03
C TYR B 347 -13.92 30.94 -13.43
N LEU B 348 -12.82 31.27 -12.76
CA LEU B 348 -11.52 30.70 -13.14
C LEU B 348 -10.70 30.32 -11.91
N ARG B 349 -10.26 29.06 -11.86
CA ARG B 349 -9.45 28.56 -10.77
C ARG B 349 -8.38 27.63 -11.32
N VAL B 350 -7.46 27.21 -10.46
CA VAL B 350 -6.38 26.33 -10.84
C VAL B 350 -6.32 25.15 -9.88
N ILE B 351 -5.95 23.97 -10.39
CA ILE B 351 -5.63 22.86 -9.51
C ILE B 351 -4.26 22.28 -9.86
N GLN B 352 -3.39 22.18 -8.85
CA GLN B 352 -2.09 21.55 -9.02
C GLN B 352 -2.20 20.13 -8.46
N GLY B 353 -2.06 19.15 -9.35
CA GLY B 353 -2.26 17.77 -8.97
C GLY B 353 -1.12 16.85 -9.37
N ASP B 354 0.06 17.43 -9.59
CA ASP B 354 1.27 16.66 -9.87
C ASP B 354 2.33 16.92 -8.80
N GLY B 355 2.88 15.87 -8.22
CA GLY B 355 3.99 16.00 -7.28
C GLY B 355 3.64 16.61 -5.94
N VAL B 356 2.36 16.61 -5.59
CA VAL B 356 1.95 17.19 -4.31
C VAL B 356 2.06 16.18 -3.17
N ASP B 357 2.88 16.51 -2.18
CA ASP B 357 2.87 15.79 -0.92
C ASP B 357 2.93 16.85 0.18
N ILE B 358 3.01 16.42 1.43
CA ILE B 358 2.96 17.39 2.52
C ILE B 358 4.09 18.43 2.43
N ASN B 359 5.24 18.02 1.94
CA ASN B 359 6.37 18.94 1.80
C ASN B 359 6.20 19.93 0.67
N THR B 360 5.82 19.45 -0.51
CA THR B 360 5.69 20.33 -1.65
C THR B 360 4.44 21.23 -1.49
N LEU B 361 3.44 20.73 -0.79
CA LEU B 361 2.24 21.53 -0.50
C LEU B 361 2.63 22.80 0.23
N GLN B 362 3.44 22.65 1.28
CA GLN B 362 3.96 23.76 2.06
C GLN B 362 4.74 24.73 1.18
N GLU B 363 5.62 24.20 0.33
CA GLU B 363 6.45 25.03 -0.54
C GLU B 363 5.61 25.86 -1.48
N ILE B 364 4.55 25.25 -2.02
CA ILE B 364 3.71 25.96 -2.99
C ILE B 364 2.92 27.09 -2.35
N VAL B 365 2.24 26.81 -1.23
CA VAL B 365 1.41 27.86 -0.62
C VAL B 365 2.26 29.02 -0.09
N GLU B 366 3.46 28.72 0.42
CA GLU B 366 4.36 29.76 0.89
C GLU B 366 4.87 30.60 -0.28
N GLY B 367 5.18 29.95 -1.39
CA GLY B 367 5.63 30.64 -2.58
C GLY B 367 4.54 31.54 -3.15
N MET B 368 3.31 31.04 -3.14
CA MET B 368 2.16 31.84 -3.56
C MET B 368 1.96 33.05 -2.67
N LYS B 369 2.05 32.85 -1.36
CA LYS B 369 1.93 33.96 -0.41
C LYS B 369 2.98 35.04 -0.66
N GLN B 370 4.23 34.63 -0.88
CA GLN B 370 5.31 35.58 -1.12
C GLN B 370 5.09 36.38 -2.40
N LYS B 371 4.41 35.78 -3.37
CA LYS B 371 4.09 36.47 -4.62
C LYS B 371 2.72 37.15 -4.58
N MET B 372 2.12 37.21 -3.38
CA MET B 372 0.85 37.93 -3.16
C MET B 372 -0.37 37.32 -3.87
N TRP B 373 -0.35 36.01 -4.08
CA TRP B 373 -1.50 35.30 -4.62
C TRP B 373 -2.29 34.62 -3.51
N SER B 374 -3.60 34.85 -3.49
CA SER B 374 -4.44 34.20 -2.48
C SER B 374 -4.53 32.69 -2.70
N ILE B 375 -4.63 31.95 -1.61
CA ILE B 375 -4.86 30.50 -1.67
C ILE B 375 -6.28 30.17 -2.17
N GLU B 376 -7.15 31.17 -2.21
CA GLU B 376 -8.48 30.97 -2.81
C GLU B 376 -8.38 30.54 -4.27
N ASN B 377 -7.29 30.92 -4.94
CA ASN B 377 -7.13 30.67 -6.36
C ASN B 377 -6.90 29.22 -6.72
N ILE B 378 -6.46 28.43 -5.74
CA ILE B 378 -5.89 27.13 -6.03
C ILE B 378 -6.47 26.04 -5.17
N ALA B 379 -6.56 24.85 -5.75
CA ALA B 379 -6.79 23.63 -5.00
C ALA B 379 -5.67 22.65 -5.33
N PHE B 380 -5.52 21.63 -4.50
CA PHE B 380 -4.49 20.64 -4.72
C PHE B 380 -5.08 19.25 -4.89
N GLY B 381 -4.49 18.48 -5.80
CA GLY B 381 -4.79 17.07 -5.91
C GLY B 381 -3.55 16.29 -5.50
N SER B 382 -3.73 15.19 -4.80
CA SER B 382 -2.60 14.36 -4.41
C SER B 382 -2.99 12.91 -4.55
N GLY B 383 -2.10 12.12 -5.15
CA GLY B 383 -2.38 10.72 -5.41
C GLY B 383 -1.45 9.82 -4.62
N GLY B 384 -0.29 9.53 -5.20
CA GLY B 384 0.71 8.72 -4.53
C GLY B 384 1.12 9.28 -3.18
N GLY B 385 1.31 10.60 -3.13
CA GLY B 385 1.71 11.26 -1.90
C GLY B 385 0.67 11.12 -0.80
N LEU B 386 -0.60 11.07 -1.19
CA LEU B 386 -1.69 11.04 -0.22
C LEU B 386 -1.97 9.63 0.33
N LEU B 387 -1.95 8.64 -0.57
CA LEU B 387 -2.43 7.30 -0.21
C LEU B 387 -1.40 6.17 -0.24
N GLN B 388 -0.26 6.38 -0.90
CA GLN B 388 0.71 5.29 -1.07
C GLN B 388 2.08 5.52 -0.40
N LYS B 389 2.58 6.75 -0.46
CA LYS B 389 3.92 7.06 0.03
C LYS B 389 3.92 7.25 1.54
N LEU B 390 3.54 6.20 2.24
CA LEU B 390 3.42 6.19 3.68
C LEU B 390 3.79 4.79 4.17
N THR B 391 4.45 4.72 5.32
CA THR B 391 4.82 3.44 5.91
C THR B 391 4.52 3.45 7.40
N ARG B 392 4.62 2.27 8.01
CA ARG B 392 4.27 2.09 9.40
C ARG B 392 5.27 2.80 10.33
N ASP B 393 6.44 3.13 9.81
CA ASP B 393 7.45 3.77 10.66
C ASP B 393 7.31 5.29 10.72
N LEU B 394 6.38 5.85 9.95
CA LEU B 394 6.15 7.29 10.01
C LEU B 394 5.65 7.69 11.39
N LEU B 395 4.66 6.95 11.90
CA LEU B 395 4.13 7.18 13.25
C LEU B 395 4.55 6.08 14.24
N ASN B 396 5.36 5.14 13.77
CA ASN B 396 5.81 4.01 14.62
C ASN B 396 4.66 3.27 15.28
N CYS B 397 3.66 2.93 14.48
CA CYS B 397 2.51 2.18 14.94
C CYS B 397 2.93 0.78 15.30
N SER B 398 2.64 0.34 16.54
CA SER B 398 3.23 -0.89 17.06
C SER B 398 2.34 -1.57 18.11
N PHE B 399 2.36 -2.91 18.11
CA PHE B 399 1.53 -3.75 18.98
C PHE B 399 2.48 -4.55 19.85
N LYS B 400 2.29 -4.50 21.17
CA LYS B 400 3.21 -5.16 22.09
C LYS B 400 2.49 -5.76 23.29
N CYS B 401 3.03 -6.87 23.81
CA CYS B 401 2.50 -7.48 25.02
C CYS B 401 3.04 -6.75 26.25
N SER B 402 2.15 -6.33 27.15
CA SER B 402 2.57 -5.60 28.36
C SER B 402 2.22 -6.30 29.67
N TYR B 403 1.38 -7.33 29.61
CA TYR B 403 0.93 -7.98 30.84
C TYR B 403 0.54 -9.43 30.58
N VAL B 404 1.00 -10.33 31.45
CA VAL B 404 0.60 -11.74 31.35
C VAL B 404 0.24 -12.29 32.71
N VAL B 405 -0.53 -13.35 32.73
CA VAL B 405 -0.79 -14.06 33.97
C VAL B 405 -0.32 -15.49 33.77
N THR B 406 0.58 -15.93 34.64
CA THR B 406 1.14 -17.27 34.59
C THR B 406 1.11 -17.85 35.99
N ASN B 407 0.57 -19.05 36.13
CA ASN B 407 0.39 -19.67 37.45
C ASN B 407 -0.40 -18.77 38.40
N GLY B 408 -1.36 -18.05 37.84
CA GLY B 408 -2.23 -17.19 38.61
C GLY B 408 -1.62 -15.87 39.05
N LEU B 409 -0.38 -15.63 38.63
CA LEU B 409 0.33 -14.41 38.99
C LEU B 409 0.48 -13.45 37.82
N GLY B 410 0.04 -12.22 38.01
CA GLY B 410 0.19 -11.18 37.00
C GLY B 410 1.62 -10.68 36.97
N ILE B 411 2.15 -10.49 35.77
CA ILE B 411 3.51 -10.01 35.56
C ILE B 411 3.49 -8.87 34.55
N ASN B 412 4.16 -7.76 34.89
CA ASN B 412 4.30 -6.65 33.95
C ASN B 412 5.49 -6.89 33.04
N VAL B 413 5.24 -6.96 31.74
CA VAL B 413 6.29 -7.34 30.80
C VAL B 413 6.51 -6.28 29.73
N PHE B 414 7.67 -6.30 29.10
CA PHE B 414 8.07 -5.22 28.19
C PHE B 414 9.36 -5.60 27.48
N LYS B 415 9.65 -4.91 26.38
CA LYS B 415 10.98 -4.99 25.77
C LYS B 415 11.71 -3.68 25.99
N ASP B 416 13.04 -3.71 25.95
CA ASP B 416 13.83 -2.52 26.18
C ASP B 416 15.22 -2.72 25.59
N PRO B 417 15.34 -2.74 24.25
CA PRO B 417 16.62 -3.07 23.60
C PRO B 417 17.72 -2.07 23.96
N VAL B 418 18.89 -2.59 24.30
CA VAL B 418 19.99 -1.75 24.78
C VAL B 418 20.41 -0.69 23.77
N ALA B 419 20.36 -1.03 22.48
CA ALA B 419 20.85 -0.14 21.44
C ALA B 419 19.80 0.82 20.90
N ASP B 420 18.56 0.70 21.35
CA ASP B 420 17.51 1.60 20.88
C ASP B 420 16.40 1.83 21.91
N PRO B 421 16.59 2.83 22.77
CA PRO B 421 15.57 3.22 23.76
C PRO B 421 14.23 3.62 23.13
N ASN B 422 14.26 4.08 21.88
CA ASN B 422 13.02 4.40 21.16
C ASN B 422 12.09 3.20 20.99
N LYS B 423 12.64 2.00 21.10
CA LYS B 423 11.84 0.78 20.95
C LYS B 423 11.32 0.19 22.28
N ARG B 424 11.66 0.84 23.38
CA ARG B 424 11.15 0.43 24.69
C ARG B 424 9.61 0.43 24.69
N SER B 425 9.00 -0.61 25.26
CA SER B 425 7.55 -0.73 25.30
C SER B 425 7.01 -0.52 26.72
N LYS B 426 5.71 -0.30 26.84
CA LYS B 426 5.09 0.02 28.12
C LYS B 426 4.88 -1.22 28.99
N LYS B 427 4.78 -1.02 30.30
CA LYS B 427 4.67 -2.13 31.25
C LYS B 427 3.29 -2.23 31.89
N GLY B 428 2.76 -3.45 31.92
CA GLY B 428 1.58 -3.75 32.70
C GLY B 428 0.27 -3.34 32.08
N ARG B 429 -0.78 -3.38 32.88
CA ARG B 429 -2.11 -2.97 32.44
C ARG B 429 -2.16 -1.46 32.22
N LEU B 430 -2.71 -1.06 31.08
CA LEU B 430 -2.69 0.32 30.66
C LEU B 430 -4.08 0.97 30.69
N SER B 431 -4.09 2.28 30.88
CA SER B 431 -5.32 3.05 30.77
C SER B 431 -5.01 4.46 30.31
N LEU B 432 -5.99 5.11 29.70
CA LEU B 432 -5.81 6.43 29.13
C LEU B 432 -6.63 7.41 29.93
N HIS B 433 -6.02 8.52 30.33
CA HIS B 433 -6.67 9.51 31.19
C HIS B 433 -6.47 10.95 30.74
N ARG B 434 -7.33 11.82 31.27
CA ARG B 434 -7.16 13.26 31.15
C ARG B 434 -6.28 13.72 32.31
N THR B 435 -5.33 14.62 32.04
CA THR B 435 -4.50 15.22 33.08
C THR B 435 -5.24 16.41 33.67
N PRO B 436 -4.76 16.97 34.80
CA PRO B 436 -5.44 18.15 35.35
C PRO B 436 -5.52 19.31 34.36
N ALA B 437 -4.55 19.42 33.45
CA ALA B 437 -4.54 20.52 32.49
C ALA B 437 -5.36 20.16 31.24
N GLY B 438 -5.98 18.99 31.25
CA GLY B 438 -6.82 18.56 30.14
C GLY B 438 -6.10 17.87 28.99
N ASN B 439 -4.85 17.46 29.22
CA ASN B 439 -4.11 16.70 28.20
C ASN B 439 -4.30 15.21 28.39
N PHE B 440 -3.73 14.41 27.50
CA PHE B 440 -3.81 12.96 27.63
C PHE B 440 -2.61 12.40 28.38
N VAL B 441 -2.83 11.35 29.16
CA VAL B 441 -1.74 10.60 29.77
C VAL B 441 -2.07 9.11 29.80
N THR B 442 -1.07 8.27 29.52
CA THR B 442 -1.22 6.82 29.62
C THR B 442 -0.60 6.33 30.92
N LEU B 443 -1.41 5.69 31.76
CA LEU B 443 -0.90 5.15 33.03
C LEU B 443 -0.53 3.69 32.85
N GLU B 444 0.65 3.32 33.35
CA GLU B 444 1.13 1.95 33.22
C GLU B 444 0.97 1.21 34.54
N GLU B 445 1.28 -0.08 34.52
CA GLU B 445 1.39 -0.90 35.73
C GLU B 445 0.10 -0.92 36.54
N GLY B 446 -1.02 -0.78 35.84
CA GLY B 446 -2.33 -0.82 36.45
C GLY B 446 -2.64 0.37 37.34
N LYS B 447 -1.83 1.42 37.25
CA LYS B 447 -1.96 2.57 38.15
C LYS B 447 -3.27 3.33 37.97
N GLY B 448 -3.92 3.15 36.83
CA GLY B 448 -5.25 3.70 36.62
C GLY B 448 -6.23 3.27 37.69
N ASP B 449 -6.04 2.06 38.22
CA ASP B 449 -6.92 1.53 39.26
C ASP B 449 -6.90 2.34 40.55
N LEU B 450 -5.85 3.15 40.74
CA LEU B 450 -5.73 3.98 41.92
C LEU B 450 -6.72 5.15 41.90
N GLU B 451 -7.29 5.42 40.72
CA GLU B 451 -8.29 6.46 40.54
C GLU B 451 -7.82 7.86 40.90
N GLU B 452 -6.54 8.14 40.63
CA GLU B 452 -6.00 9.46 40.92
C GLU B 452 -6.11 10.36 39.69
N TYR B 453 -6.53 9.76 38.58
CA TYR B 453 -6.59 10.44 37.30
C TYR B 453 -7.95 10.26 36.66
N GLY B 454 -8.97 10.00 37.47
CA GLY B 454 -10.30 9.81 36.96
C GLY B 454 -10.48 8.55 36.13
N GLN B 455 -11.53 8.54 35.31
CA GLN B 455 -11.90 7.34 34.58
C GLN B 455 -11.04 7.08 33.34
N ASP B 456 -10.89 5.80 33.00
CA ASP B 456 -10.20 5.36 31.79
C ASP B 456 -11.02 5.81 30.58
N LEU B 457 -10.35 6.43 29.62
CA LEU B 457 -10.99 6.97 28.42
C LEU B 457 -11.23 5.93 27.32
N LEU B 458 -10.58 4.76 27.43
CA LEU B 458 -10.82 3.70 26.47
C LEU B 458 -12.22 3.11 26.67
N HIS B 459 -12.84 2.67 25.59
CA HIS B 459 -14.15 2.02 25.64
C HIS B 459 -14.02 0.59 25.13
N THR B 460 -14.78 -0.34 25.69
CA THR B 460 -14.84 -1.68 25.11
C THR B 460 -15.54 -1.61 23.75
N VAL B 461 -14.84 -1.99 22.68
CA VAL B 461 -15.39 -1.93 21.33
C VAL B 461 -15.63 -3.33 20.74
N PHE B 462 -15.02 -4.35 21.33
CA PHE B 462 -15.17 -5.72 20.86
C PHE B 462 -15.13 -6.65 22.06
N LYS B 463 -16.08 -7.57 22.13
CA LYS B 463 -16.07 -8.56 23.18
C LYS B 463 -16.75 -9.86 22.75
N ASN B 464 -15.98 -10.94 22.78
CA ASN B 464 -16.51 -12.27 22.52
C ASN B 464 -17.29 -12.38 21.22
N GLY B 465 -16.70 -11.83 20.16
CA GLY B 465 -17.26 -11.97 18.83
C GLY B 465 -18.24 -10.87 18.44
N LYS B 466 -18.48 -9.94 19.36
CA LYS B 466 -19.44 -8.86 19.08
C LYS B 466 -18.81 -7.48 19.13
N VAL B 467 -19.21 -6.61 18.20
CA VAL B 467 -18.83 -5.22 18.25
C VAL B 467 -19.74 -4.52 19.25
N THR B 468 -19.16 -3.89 20.26
CA THR B 468 -19.92 -3.40 21.40
C THR B 468 -20.04 -1.89 21.43
N LYS B 469 -19.27 -1.21 20.58
CA LYS B 469 -19.33 0.23 20.48
C LYS B 469 -18.79 0.65 19.12
N SER B 470 -19.46 1.62 18.51
CA SER B 470 -19.08 2.05 17.16
C SER B 470 -19.42 3.52 16.96
N TYR B 471 -18.92 4.07 15.86
CA TYR B 471 -19.04 5.50 15.60
C TYR B 471 -19.46 5.72 14.16
N SER B 472 -20.32 6.71 13.94
CA SER B 472 -20.70 7.08 12.59
C SER B 472 -19.57 7.90 11.99
N PHE B 473 -19.55 8.02 10.67
CA PHE B 473 -18.52 8.81 10.02
C PHE B 473 -18.66 10.29 10.35
N ASP B 474 -19.90 10.71 10.62
CA ASP B 474 -20.15 12.09 11.02
C ASP B 474 -19.48 12.38 12.38
N GLU B 475 -19.60 11.44 13.32
CA GLU B 475 -18.98 11.59 14.65
C GLU B 475 -17.46 11.66 14.52
N ILE B 476 -16.92 10.78 13.69
CA ILE B 476 -15.49 10.72 13.45
C ILE B 476 -14.97 12.05 12.89
N ARG B 477 -15.68 12.60 11.92
CA ARG B 477 -15.28 13.90 11.35
C ARG B 477 -15.28 14.99 12.41
N LYS B 478 -16.28 14.96 13.29
CA LYS B 478 -16.39 15.94 14.36
C LYS B 478 -15.19 15.81 15.32
N ASN B 479 -14.86 14.57 15.67
CA ASN B 479 -13.74 14.34 16.57
C ASN B 479 -12.41 14.79 15.97
N ALA B 480 -12.29 14.72 14.65
CA ALA B 480 -11.03 15.01 13.97
C ALA B 480 -10.84 16.45 13.53
N GLN B 481 -11.78 17.33 13.87
CA GLN B 481 -11.72 18.74 13.50
C GLN B 481 -10.44 19.44 13.97
N LEU B 482 -10.00 20.43 13.19
CA LEU B 482 -8.89 21.27 13.61
C LEU B 482 -9.35 22.20 14.72
N ASN B 483 -8.44 22.59 15.60
CA ASN B 483 -8.74 23.56 16.65
C ASN B 483 -9.30 24.85 16.07
N ILE B 484 -8.70 25.30 14.98
CA ILE B 484 -9.11 26.54 14.33
C ILE B 484 -10.51 26.45 13.72
N GLU B 485 -10.91 25.23 13.32
CA GLU B 485 -12.27 25.00 12.84
C GLU B 485 -13.25 25.11 14.00
N LEU B 486 -12.88 24.53 15.13
CA LEU B 486 -13.66 24.64 16.36
C LEU B 486 -13.73 26.09 16.78
N GLU B 487 -12.56 26.75 16.83
CA GLU B 487 -12.47 28.15 17.15
C GLU B 487 -13.15 29.02 16.09
C1 20O C . 15.40 -22.87 6.64
C2 20O C . 14.88 -21.98 5.71
C3 20O C . 15.15 -20.63 5.84
C4 20O C . 15.94 -20.19 6.89
C5 20O C . 16.46 -21.07 7.80
C6 20O C . 16.19 -22.43 7.69
S7 20O C . 16.28 -18.46 7.04
O8 20O C . 17.51 -18.36 7.75
O9 20O C . 16.10 -17.89 5.77
C10 20O C . 15.03 -17.80 8.10
C11 20O C . 13.75 -17.62 7.60
C12 20O C . 12.76 -17.10 8.41
C13 20O C . 13.02 -16.77 9.73
C14 20O C . 14.31 -16.95 10.23
C15 20O C . 15.31 -17.48 9.42
N16 20O C . 11.95 -16.22 10.46
C17 20O C . 12.05 -15.33 11.48
O18 20O C . 13.13 -14.94 11.88
C19 20O C . 10.80 -14.78 12.09
C20 20O C . 10.81 -14.10 13.47
C21 20O C . 10.80 -13.25 12.20
C22 20O C . 9.58 -12.47 11.74
C23 20O C . 8.53 -13.10 11.09
C24 20O C . 7.44 -12.32 10.68
C25 20O C . 7.44 -10.95 10.95
N26 20O C . 8.47 -10.40 11.56
C27 20O C . 9.51 -11.10 11.96
P PO4 D . 0.44 9.22 -14.93
O1 PO4 D . 0.67 7.77 -15.24
O2 PO4 D . 1.42 9.66 -13.87
O3 PO4 D . 0.68 10.08 -16.16
O4 PO4 D . -0.97 9.39 -14.41
P PO4 E . 8.45 -9.27 16.81
O1 PO4 E . 8.80 -10.64 16.30
O2 PO4 E . 9.52 -8.30 16.35
O3 PO4 E . 7.09 -8.86 16.26
O4 PO4 E . 8.35 -9.23 18.31
P PO4 F . 11.11 -4.33 8.72
O1 PO4 F . 11.07 -5.70 9.38
O2 PO4 F . 11.91 -3.37 9.58
O3 PO4 F . 11.78 -4.49 7.37
O4 PO4 F . 9.70 -3.82 8.55
C1 EDO G . 4.24 7.56 -12.49
O1 EDO G . 5.47 8.22 -12.19
C2 EDO G . 4.07 7.44 -14.01
O2 EDO G . 3.73 8.73 -14.55
C1 EDO H . -2.68 10.54 -23.00
O1 EDO H . -3.34 9.28 -22.78
C2 EDO H . -1.66 10.45 -24.13
O2 EDO H . -2.35 10.36 -25.37
C1 EDO I . 6.85 -7.65 23.23
O1 EDO I . 5.48 -7.95 22.91
C2 EDO I . 6.98 -6.73 24.44
O2 EDO I . 6.62 -7.43 25.63
C1 EDO J . -14.82 -0.67 -6.04
O1 EDO J . -15.44 0.54 -5.56
C2 EDO J . -15.85 -1.48 -6.82
O2 EDO J . -16.84 -2.03 -5.93
C1 EDO K . 17.17 1.36 11.75
O1 EDO K . 16.22 0.68 10.92
C2 EDO K . 17.39 0.56 13.02
O2 EDO K . 16.11 0.23 13.60
C1 EDO L . 13.00 -19.42 -6.01
O1 EDO L . 13.84 -20.33 -6.73
C2 EDO L . 11.87 -18.97 -6.91
O2 EDO L . 12.42 -18.51 -8.15
C1 EDO M . -1.52 10.40 -10.56
O1 EDO M . -1.18 9.43 -9.57
C2 EDO M . -3.03 10.64 -10.58
O2 EDO M . -3.34 11.68 -11.51
C1 20O N . -16.13 22.47 -7.03
C2 20O N . -15.65 21.53 -6.13
C3 20O N . -14.30 21.29 -6.04
C4 20O N . -13.42 21.99 -6.86
C5 20O N . -13.90 22.92 -7.76
C6 20O N . -15.26 23.15 -7.85
S7 20O N . -11.71 21.68 -6.76
O8 20O N . -11.08 22.86 -7.26
O9 20O N . -11.47 21.21 -5.44
C10 20O N . -11.36 20.37 -7.87
C11 20O N . -11.68 19.07 -7.54
C12 20O N . -11.42 18.03 -8.41
C13 20O N . -10.81 18.29 -9.63
C14 20O N . -10.48 19.59 -9.96
C15 20O N . -10.76 20.62 -9.09
N16 20O N . -10.54 17.17 -10.45
C17 20O N . -9.53 17.07 -11.36
O18 20O N . -8.75 17.99 -11.61
C19 20O N . -9.34 15.76 -12.07
C20 20O N . -8.52 15.68 -13.35
C21 20O N . -7.89 15.26 -12.02
C22 20O N . -7.60 13.81 -11.66
C23 20O N . -8.60 12.95 -11.20
C24 20O N . -8.26 11.65 -10.86
C25 20O N . -6.94 11.24 -10.97
N26 20O N . -6.03 12.08 -11.41
C27 20O N . -6.31 13.34 -11.74
P PO4 O . -4.32 12.07 -16.54
O1 PO4 O . -4.40 10.61 -16.13
O2 PO4 O . -3.10 12.72 -15.90
O3 PO4 O . -4.15 12.12 -18.05
O4 PO4 O . -5.56 12.79 -16.09
P PO4 P . 7.41 -3.68 15.45
O1 PO4 P . 7.25 -5.02 14.77
O2 PO4 P . 8.20 -3.84 16.73
O3 PO4 P . 8.17 -2.76 14.53
O4 PO4 P . 6.05 -3.13 15.77
P PO4 Q . 0.20 12.46 -7.87
O1 PO4 Q . 0.29 10.95 -7.77
O2 PO4 Q . 0.12 13.06 -6.47
O3 PO4 Q . 1.43 13.00 -8.58
O4 PO4 Q . -1.06 12.86 -8.62
C1 EDO R . 6.91 0.44 14.95
O1 EDO R . 7.98 -0.37 15.44
C2 EDO R . 7.06 0.69 13.46
O2 EDO R . 8.21 1.52 13.25
C1 EDO S . 6.93 17.11 -9.68
O1 EDO S . 7.12 15.80 -9.13
C2 EDO S . 7.42 17.12 -11.13
O2 EDO S . 6.66 16.18 -11.89
C1 EDO T . 8.34 -5.59 11.11
O1 EDO T . 7.88 -4.83 9.99
C2 EDO T . 8.09 -7.08 10.87
O2 EDO T . 8.85 -7.85 11.82
#